data_6AJG
#
_entry.id   6AJG
#
_cell.length_a   87.009
_cell.length_b   143.536
_cell.length_c   143.612
_cell.angle_alpha   90.000
_cell.angle_beta   90.000
_cell.angle_gamma   90.000
#
_symmetry.space_group_name_H-M   'P 21 21 21'
#
loop_
_entity.id
_entity.type
_entity.pdbx_description
1 polymer 'Drug exporters of the RND superfamily-like protein,Endolysin'
2 non-polymer "N-[(2E)-3,7-dimethylocta-2,6-dien-1-yl]-N'-[(1R,3S,5R,7R)-tricyclo[3.3.1.1~3,7~]dec-2-yl]ethane-1,2-diamine"
3 non-polymer DODECYL-BETA-D-MALTOSIDE
4 non-polymer '(CARBAMOYLMETHYL-CARBOXYMETHYL-AMINO)-ACETIC ACID'
#
_entity_poly.entity_id   1
_entity_poly.type   'polypeptide(L)'
_entity_poly.pdbx_seq_one_letter_code
;MPEVVGSYFQSNAMFAWWGRTVYQFRYIVIGVMVALCLGGGVYGISLGNHVTQSGFYDEGSQSVAASLIGDEVYGRDRTS
HVVAILTPPDDKKVTDKAWQKKVTEELDQVVKDHEDQIVGWVGWLKAPDTTDPTVSAMKTQDLRHTFISIPLQGDDDDEI
LKNYQVVEPELQQVNGGDIRLAGLNPLASELTGTIGEDQKRAEVAAIPLVAVVLFFVFGTVIAAALPAIIGGLAIAGALG
IMRLVAEFTPVHFFAQPVVTLIGLGIAIDYGLFIVSRFREEIAEGYDTEAAVRRTVMTSGRTVVFSAVIIVASSVPLLLF
PQGFLKSITYAIIASVMLAAILSITVLAAALAILGPRVDALGVTTLLKIPFLANWQFSRRIIDWFAEKTQKTKTREEVER
GFWGRLVNVVMKRPIAFAAPILVVMVLLIIPLGQLSLGGISEKYLPPDNAVRQSQEQFDKLFPGFRTEPLTLVMKREDGE
PITDAQIADMRAKALTVSGFTDPDNDPEKMWKERPANDSGSKDPSVRVIQNGLENRNDAAKKIDELRALQPPHGIEVFVG
GTPALEQDSIHSLFDKLPLMALILIVTTTVLMFLAFGSVVLPIKAALMSALTLGSTMGILTWMFVDGHGSGLMNYTPQPL
MAPMIGLIIAVIWGLSTDYEVFLVSRMVEARERGMSTAEAIRIGTATTGRLITGAALILAVVAGAFVFSDLVMMKYLAFG
LLIALLLDATIIRMFLVPAVMKLLGDDCWWAPRWMKRVQEKEFNIFEMLRIDEGLRLKIYKDTEGYYTIGIGHLLTKSPS
LNAAKSELDKAIGRNTNGVITKDEAEKLFNQDVDAAVRGILRNAKLKPVYDSLDAVRRAALINMVFQMGETGVAGFTNSL
RMLQQKRWDEAAVNLAKSRWYNQTPNRAKRVITTFRTGTWDAYEFHLGGIKAFHHHHHHHHHH
;
_entity_poly.pdbx_strand_id   A
#
loop_
_chem_comp.id
_chem_comp.type
_chem_comp.name
_chem_comp.formula
3RX non-polymer N-[(2E)-3,7-dimethylocta-2,6-dien-1-yl]-N'-[(1R,3S,5R,7R)-tricyclo[3.3.1.1~3,7~]dec-2-yl]ethane-1,2-diamine 'C22 H38 N2'
LMT D-saccharide DODECYL-BETA-D-MALTOSIDE 'C24 H46 O11'
MHA non-polymer '(CARBAMOYLMETHYL-CARBOXYMETHYL-AMINO)-ACETIC ACID' 'C6 H10 N2 O5'
#
# COMPACT_ATOMS: atom_id res chain seq x y z
N PHE A 9 -19.88 -4.97 -15.12
CA PHE A 9 -18.64 -5.73 -15.30
C PHE A 9 -17.62 -4.90 -16.09
N GLN A 10 -16.42 -4.77 -15.56
CA GLN A 10 -15.34 -4.13 -16.29
C GLN A 10 -15.83 -2.79 -16.73
N SER A 11 -16.71 -2.18 -15.94
CA SER A 11 -17.37 -0.98 -16.39
C SER A 11 -17.78 -0.19 -15.20
N ASN A 12 -18.02 1.09 -15.40
CA ASN A 12 -18.43 1.92 -14.28
C ASN A 12 -19.81 1.54 -13.74
N ALA A 13 -20.38 0.47 -14.29
CA ALA A 13 -21.74 0.02 -13.97
C ALA A 13 -21.96 -0.15 -12.46
N MET A 14 -21.02 -0.80 -11.79
CA MET A 14 -21.15 -1.04 -10.36
C MET A 14 -20.72 0.16 -9.54
N PHE A 15 -19.75 0.91 -10.05
CA PHE A 15 -19.33 2.15 -9.40
C PHE A 15 -20.45 3.17 -9.46
N ALA A 16 -21.21 3.15 -10.54
CA ALA A 16 -22.37 4.02 -10.70
C ALA A 16 -23.47 3.61 -9.73
N TRP A 17 -23.62 2.31 -9.52
CA TRP A 17 -24.61 1.80 -8.59
C TRP A 17 -24.25 2.18 -7.15
N TRP A 18 -22.98 1.97 -6.80
CA TRP A 18 -22.53 2.28 -5.44
C TRP A 18 -22.47 3.78 -5.19
N GLY A 19 -22.05 4.53 -6.21
CA GLY A 19 -21.96 5.97 -6.12
C GLY A 19 -23.28 6.62 -5.74
N ARG A 20 -24.37 6.02 -6.18
CA ARG A 20 -25.70 6.53 -5.85
C ARG A 20 -26.22 5.85 -4.59
N THR A 21 -25.77 4.63 -4.33
CA THR A 21 -26.18 3.89 -3.14
C THR A 21 -25.58 4.48 -1.88
N VAL A 22 -24.30 4.88 -1.96
CA VAL A 22 -23.60 5.42 -0.80
C VAL A 22 -24.17 6.78 -0.39
N TYR A 23 -24.68 7.53 -1.37
CA TYR A 23 -25.30 8.82 -1.07
C TYR A 23 -26.63 8.62 -0.35
N GLN A 24 -27.41 7.65 -0.83
CA GLN A 24 -28.75 7.42 -0.31
C GLN A 24 -28.73 6.90 1.13
N PHE A 25 -27.74 6.06 1.44
CA PHE A 25 -27.58 5.53 2.78
C PHE A 25 -26.38 6.16 3.48
N ARG A 26 -26.15 7.45 3.20
CA ARG A 26 -24.97 8.14 3.69
C ARG A 26 -24.85 8.15 5.21
N TYR A 27 -25.98 8.07 5.91
CA TYR A 27 -25.97 8.07 7.36
C TYR A 27 -25.69 6.68 7.92
N ILE A 28 -26.30 5.66 7.33
CA ILE A 28 -26.07 4.29 7.75
C ILE A 28 -24.63 3.87 7.49
N VAL A 29 -24.16 4.17 6.28
CA VAL A 29 -22.79 3.84 5.88
C VAL A 29 -21.75 4.50 6.77
N ILE A 30 -21.92 5.80 7.02
CA ILE A 30 -20.95 6.55 7.79
C ILE A 30 -20.96 6.14 9.26
N GLY A 31 -22.05 5.53 9.70
CA GLY A 31 -22.18 5.11 11.09
C GLY A 31 -21.58 3.73 11.32
N VAL A 32 -21.93 2.78 10.46
CA VAL A 32 -21.45 1.41 10.58
C VAL A 32 -19.94 1.32 10.45
N MET A 33 -19.39 1.96 9.42
CA MET A 33 -17.97 1.87 9.13
C MET A 33 -17.11 2.54 10.19
N VAL A 34 -17.55 3.69 10.69
CA VAL A 34 -16.82 4.36 11.76
C VAL A 34 -16.86 3.51 13.03
N ALA A 35 -18.00 2.89 13.28
CA ALA A 35 -18.14 1.98 14.41
C ALA A 35 -17.15 0.82 14.30
N LEU A 36 -17.06 0.23 13.11
CA LEU A 36 -16.16 -0.90 12.88
C LEU A 36 -14.70 -0.49 12.97
N CYS A 37 -14.36 0.67 12.41
CA CYS A 37 -12.99 1.15 12.43
C CYS A 37 -12.54 1.54 13.84
N LEU A 38 -13.44 2.18 14.58
CA LEU A 38 -13.14 2.53 15.97
C LEU A 38 -13.16 1.28 16.84
N GLY A 39 -14.13 0.40 16.58
CA GLY A 39 -14.21 -0.86 17.30
C GLY A 39 -12.99 -1.72 17.07
N GLY A 40 -12.49 -1.71 15.84
CA GLY A 40 -11.30 -2.47 15.50
C GLY A 40 -10.05 -1.85 16.11
N GLY A 41 -9.99 -0.53 16.11
CA GLY A 41 -8.87 0.18 16.69
C GLY A 41 -8.73 -0.10 18.18
N VAL A 42 -9.86 -0.15 18.86
CA VAL A 42 -9.89 -0.50 20.28
C VAL A 42 -9.41 -1.93 20.48
N TYR A 43 -9.85 -2.82 19.60
CA TYR A 43 -9.45 -4.22 19.63
C TYR A 43 -8.01 -4.40 19.16
N GLY A 44 -7.50 -3.41 18.43
CA GLY A 44 -6.19 -3.52 17.81
C GLY A 44 -5.03 -2.97 18.62
N ILE A 45 -5.30 -2.48 19.82
CA ILE A 45 -4.23 -1.97 20.68
C ILE A 45 -3.63 -3.07 21.53
N SER A 46 -4.24 -4.25 21.47
CA SER A 46 -3.72 -5.41 22.18
C SER A 46 -2.78 -6.21 21.28
N LEU A 47 -2.62 -5.75 20.05
CA LEU A 47 -1.73 -6.38 19.08
C LEU A 47 -0.29 -6.40 19.58
N GLY A 48 0.08 -5.39 20.35
CA GLY A 48 1.43 -5.23 20.84
C GLY A 48 1.95 -6.40 21.68
N ASN A 49 1.04 -7.09 22.35
CA ASN A 49 1.41 -8.22 23.18
C ASN A 49 1.18 -9.56 22.50
N HIS A 50 0.72 -9.51 21.25
CA HIS A 50 0.45 -10.73 20.49
C HIS A 50 1.25 -10.76 19.19
N VAL A 51 2.39 -10.06 19.19
CA VAL A 51 3.29 -10.07 18.04
C VAL A 51 4.53 -10.90 18.33
N THR A 52 5.16 -11.40 17.28
CA THR A 52 6.33 -12.27 17.42
C THR A 52 7.58 -11.60 16.83
N GLN A 53 8.74 -12.01 17.32
CA GLN A 53 10.00 -11.50 16.80
C GLN A 53 10.61 -12.50 15.83
N SER A 54 9.98 -13.66 15.72
CA SER A 54 10.47 -14.74 14.86
C SER A 54 9.93 -14.61 13.44
N GLY A 55 10.62 -15.24 12.50
CA GLY A 55 10.17 -15.27 11.11
C GLY A 55 11.21 -14.84 10.10
N PHE A 56 12.46 -14.75 10.52
CA PHE A 56 13.54 -14.32 9.63
C PHE A 56 14.24 -15.49 8.94
N TYR A 57 13.93 -16.70 9.38
CA TYR A 57 14.54 -17.90 8.82
C TYR A 57 13.58 -18.67 7.93
N ASP A 58 14.07 -19.74 7.34
CA ASP A 58 13.24 -20.65 6.56
C ASP A 58 12.84 -21.83 7.42
N GLU A 59 11.57 -21.86 7.84
CA GLU A 59 11.05 -22.93 8.70
C GLU A 59 11.26 -24.32 8.13
N GLY A 60 11.37 -24.41 6.81
CA GLY A 60 11.54 -25.68 6.14
C GLY A 60 12.98 -25.99 5.76
N SER A 61 13.92 -25.22 6.32
CA SER A 61 15.33 -25.43 6.03
C SER A 61 15.95 -26.49 6.94
N GLN A 62 17.08 -27.03 6.52
CA GLN A 62 17.79 -28.05 7.29
C GLN A 62 18.35 -27.46 8.58
N SER A 63 18.70 -26.18 8.53
CA SER A 63 19.28 -25.50 9.70
C SER A 63 18.24 -25.34 10.81
N VAL A 64 16.99 -25.05 10.43
CA VAL A 64 15.91 -24.95 11.40
C VAL A 64 15.62 -26.33 12.00
N ALA A 65 15.63 -27.34 11.14
CA ALA A 65 15.42 -28.73 11.57
C ALA A 65 16.50 -29.13 12.58
N ALA A 66 17.74 -28.74 12.29
CA ALA A 66 18.86 -29.03 13.18
C ALA A 66 18.65 -28.37 14.55
N SER A 67 18.10 -27.16 14.53
CA SER A 67 17.86 -26.41 15.75
C SER A 67 16.73 -27.04 16.57
N LEU A 68 15.69 -27.48 15.91
CA LEU A 68 14.57 -28.14 16.58
C LEU A 68 15.02 -29.43 17.25
N ILE A 69 15.73 -30.26 16.50
CA ILE A 69 16.27 -31.51 17.04
C ILE A 69 17.29 -31.22 18.14
N GLY A 70 18.12 -30.21 17.92
CA GLY A 70 19.15 -29.84 18.87
C GLY A 70 18.58 -29.35 20.20
N ASP A 71 17.64 -28.42 20.13
CA ASP A 71 17.03 -27.86 21.33
C ASP A 71 16.18 -28.90 22.07
N GLU A 72 15.58 -29.80 21.32
CA GLU A 72 14.78 -30.88 21.90
C GLU A 72 15.60 -31.76 22.82
N VAL A 73 16.79 -32.14 22.37
CA VAL A 73 17.60 -33.14 23.05
C VAL A 73 18.56 -32.54 24.08
N TYR A 74 19.21 -31.45 23.71
CA TYR A 74 20.22 -30.84 24.59
C TYR A 74 19.66 -29.69 25.41
N GLY A 75 18.45 -29.25 25.08
CA GLY A 75 17.85 -28.12 25.76
C GLY A 75 18.28 -26.81 25.13
N ARG A 76 17.37 -25.85 25.08
CA ARG A 76 17.70 -24.54 24.51
C ARG A 76 18.71 -23.82 25.39
N ASP A 77 19.62 -23.09 24.76
CA ASP A 77 20.64 -22.35 25.50
C ASP A 77 20.03 -21.13 26.17
N ARG A 78 20.27 -21.00 27.47
CA ARG A 78 19.73 -19.87 28.23
C ARG A 78 20.86 -19.04 28.84
N THR A 79 22.10 -19.41 28.52
CA THR A 79 23.26 -18.70 29.05
C THR A 79 23.45 -17.35 28.36
N SER A 80 22.70 -17.12 27.29
CA SER A 80 22.84 -15.90 26.51
C SER A 80 21.64 -14.97 26.67
N HIS A 81 20.66 -15.40 27.46
CA HIS A 81 19.46 -14.60 27.69
C HIS A 81 19.79 -13.20 28.22
N VAL A 82 20.43 -13.17 29.38
CA VAL A 82 20.89 -11.92 29.96
C VAL A 82 22.34 -12.04 30.40
N VAL A 83 23.17 -11.12 29.96
CA VAL A 83 24.55 -11.03 30.41
C VAL A 83 24.73 -9.68 31.11
N ALA A 84 25.34 -9.70 32.29
CA ALA A 84 25.39 -8.51 33.12
C ALA A 84 26.79 -8.21 33.66
N ILE A 85 27.40 -7.15 33.14
CA ILE A 85 28.71 -6.72 33.61
C ILE A 85 28.59 -5.93 34.92
N LEU A 86 29.25 -6.42 35.96
CA LEU A 86 29.26 -5.75 37.24
C LEU A 86 30.60 -5.07 37.49
N THR A 87 30.56 -3.83 37.94
CA THR A 87 31.78 -3.06 38.19
C THR A 87 31.73 -2.38 39.55
N PRO A 88 32.68 -2.74 40.43
CA PRO A 88 32.77 -2.12 41.76
C PRO A 88 32.94 -0.61 41.67
N PRO A 89 32.21 0.13 42.51
CA PRO A 89 32.08 1.60 42.45
C PRO A 89 33.40 2.38 42.58
N ASP A 90 33.99 2.38 43.76
CA ASP A 90 35.13 3.25 44.05
C ASP A 90 36.48 2.67 43.62
N ASP A 91 36.59 2.31 42.34
CA ASP A 91 37.78 1.65 41.81
C ASP A 91 38.16 0.43 42.65
N LYS A 92 37.17 -0.14 43.33
CA LYS A 92 37.37 -1.34 44.12
C LYS A 92 37.52 -2.52 43.18
N LYS A 93 38.11 -3.59 43.68
CA LYS A 93 38.30 -4.78 42.87
C LYS A 93 37.33 -5.87 43.28
N VAL A 94 36.91 -6.67 42.29
CA VAL A 94 35.85 -7.67 42.46
C VAL A 94 36.15 -8.69 43.58
N THR A 95 37.40 -8.72 44.03
CA THR A 95 37.80 -9.60 45.12
C THR A 95 37.31 -9.10 46.48
N ASP A 96 36.80 -7.88 46.52
CA ASP A 96 36.25 -7.30 47.75
C ASP A 96 35.09 -8.12 48.28
N LYS A 97 35.32 -8.81 49.40
CA LYS A 97 34.31 -9.70 49.98
C LYS A 97 33.07 -8.95 50.43
N ALA A 98 33.23 -7.70 50.87
CA ALA A 98 32.09 -6.89 51.29
C ALA A 98 31.22 -6.53 50.10
N TRP A 99 31.85 -6.05 49.04
CA TRP A 99 31.15 -5.71 47.80
C TRP A 99 30.52 -6.95 47.19
N GLN A 100 31.23 -8.08 47.27
CA GLN A 100 30.74 -9.35 46.74
C GLN A 100 29.43 -9.75 47.41
N LYS A 101 29.34 -9.51 48.71
CA LYS A 101 28.18 -9.94 49.49
C LYS A 101 26.94 -9.08 49.25
N LYS A 102 27.13 -7.78 49.11
CA LYS A 102 26.03 -6.86 48.88
C LYS A 102 25.39 -7.10 47.52
N VAL A 103 26.23 -7.20 46.50
CA VAL A 103 25.76 -7.44 45.13
C VAL A 103 25.10 -8.80 45.01
N THR A 104 25.71 -9.81 45.63
CA THR A 104 25.18 -11.17 45.60
C THR A 104 23.79 -11.23 46.24
N GLU A 105 23.64 -10.58 47.39
CA GLU A 105 22.37 -10.55 48.10
C GLU A 105 21.31 -9.78 47.30
N GLU A 106 21.76 -8.77 46.55
CA GLU A 106 20.85 -8.03 45.68
C GLU A 106 20.35 -8.92 44.55
N LEU A 107 21.24 -9.75 44.02
CA LEU A 107 20.89 -10.65 42.93
C LEU A 107 19.95 -11.77 43.39
N ASP A 108 20.21 -12.30 44.59
CA ASP A 108 19.36 -13.34 45.15
C ASP A 108 17.95 -12.83 45.40
N GLN A 109 17.85 -11.55 45.73
CA GLN A 109 16.56 -10.93 46.01
C GLN A 109 15.70 -10.82 44.75
N VAL A 110 16.35 -10.45 43.65
CA VAL A 110 15.65 -10.34 42.37
C VAL A 110 15.11 -11.69 41.90
N VAL A 111 15.95 -12.71 42.04
CA VAL A 111 15.58 -14.07 41.67
C VAL A 111 14.45 -14.58 42.56
N LYS A 112 14.53 -14.25 43.85
CA LYS A 112 13.53 -14.67 44.82
C LYS A 112 12.17 -14.04 44.54
N ASP A 113 12.18 -12.83 43.99
CA ASP A 113 10.96 -12.08 43.75
C ASP A 113 10.36 -12.33 42.36
N HIS A 114 11.11 -13.03 41.51
CA HIS A 114 10.67 -13.25 40.12
C HIS A 114 11.02 -14.65 39.63
N GLU A 115 10.44 -15.67 40.25
CA GLU A 115 10.77 -17.04 39.88
C GLU A 115 9.94 -17.55 38.71
N ASP A 116 8.89 -16.83 38.35
CA ASP A 116 8.14 -17.15 37.14
C ASP A 116 8.85 -16.63 35.91
N GLN A 117 9.80 -15.73 36.12
CA GLN A 117 10.51 -15.07 35.02
C GLN A 117 11.99 -15.46 34.96
N ILE A 118 12.60 -15.68 36.11
CA ILE A 118 14.04 -15.93 36.17
C ILE A 118 14.38 -17.32 36.70
N VAL A 119 15.27 -18.01 36.00
CA VAL A 119 15.74 -19.32 36.41
C VAL A 119 16.77 -19.17 37.55
N GLY A 120 17.64 -18.17 37.42
CA GLY A 120 18.65 -17.91 38.43
C GLY A 120 19.79 -17.09 37.85
N TRP A 121 20.80 -16.81 38.67
CA TRP A 121 21.99 -16.12 38.17
C TRP A 121 23.24 -16.98 38.35
N VAL A 122 24.09 -16.99 37.34
CA VAL A 122 25.27 -17.83 37.32
C VAL A 122 26.52 -17.02 37.01
N GLY A 123 27.61 -17.27 37.74
CA GLY A 123 28.86 -16.59 37.49
C GLY A 123 29.96 -16.83 38.49
N TRP A 124 31.12 -16.26 38.21
CA TRP A 124 32.27 -16.32 39.11
C TRP A 124 31.93 -15.70 40.46
N LEU A 125 31.05 -14.70 40.44
CA LEU A 125 30.64 -14.00 41.64
C LEU A 125 29.92 -14.92 42.61
N LYS A 126 29.45 -16.07 42.10
CA LYS A 126 28.76 -17.05 42.93
C LYS A 126 29.77 -18.01 43.57
N ALA A 127 30.89 -18.24 42.90
CA ALA A 127 31.95 -19.09 43.43
C ALA A 127 33.33 -18.53 43.12
N PRO A 128 33.71 -17.45 43.83
CA PRO A 128 34.97 -16.76 43.58
C PRO A 128 36.20 -17.63 43.84
N ASP A 129 36.04 -18.63 44.70
CA ASP A 129 37.12 -19.57 44.97
C ASP A 129 36.97 -20.82 44.12
N THR A 130 37.11 -20.64 42.81
CA THR A 130 36.97 -21.75 41.87
C THR A 130 38.29 -22.00 41.14
N THR A 131 38.44 -23.20 40.60
CA THR A 131 39.64 -23.54 39.83
C THR A 131 39.30 -23.61 38.34
N ASP A 132 38.02 -23.39 38.04
CA ASP A 132 37.53 -23.44 36.67
C ASP A 132 38.07 -22.27 35.85
N PRO A 133 38.79 -22.57 34.77
CA PRO A 133 39.41 -21.55 33.91
C PRO A 133 38.38 -20.64 33.25
N THR A 134 37.28 -21.22 32.80
CA THR A 134 36.22 -20.45 32.14
C THR A 134 35.49 -19.54 33.12
N VAL A 135 35.15 -20.09 34.28
CA VAL A 135 34.49 -19.33 35.33
C VAL A 135 35.41 -18.22 35.83
N SER A 136 36.69 -18.53 35.93
CA SER A 136 37.69 -17.54 36.33
C SER A 136 37.87 -16.49 35.24
N ALA A 137 37.47 -16.83 34.02
CA ALA A 137 37.57 -15.91 32.89
C ALA A 137 36.41 -14.92 32.88
N MET A 138 35.44 -15.15 33.78
CA MET A 138 34.28 -14.26 33.88
C MET A 138 34.61 -13.01 34.69
N LYS A 139 35.90 -12.83 34.99
CA LYS A 139 36.40 -11.59 35.57
C LYS A 139 37.61 -11.13 34.78
N THR A 140 37.74 -9.83 34.60
CA THR A 140 38.91 -9.26 33.94
C THR A 140 40.11 -9.42 34.87
N GLN A 141 41.32 -9.32 34.33
CA GLN A 141 42.50 -9.54 35.16
C GLN A 141 42.91 -8.31 35.96
N ASP A 142 42.35 -7.15 35.61
CA ASP A 142 42.55 -5.97 36.43
C ASP A 142 41.63 -6.04 37.64
N LEU A 143 40.75 -7.04 37.62
CA LEU A 143 39.76 -7.28 38.67
C LEU A 143 38.85 -6.07 38.88
N ARG A 144 38.57 -5.36 37.80
CA ARG A 144 37.70 -4.19 37.86
C ARG A 144 36.31 -4.51 37.31
N HIS A 145 36.20 -5.66 36.65
CA HIS A 145 34.94 -6.06 36.05
C HIS A 145 34.70 -7.56 36.16
N THR A 146 33.44 -7.93 36.30
CA THR A 146 33.04 -9.34 36.23
C THR A 146 31.61 -9.39 35.69
N PHE A 147 31.28 -10.48 35.01
CA PHE A 147 29.94 -10.60 34.47
C PHE A 147 29.24 -11.87 34.94
N ILE A 148 27.93 -11.81 34.99
CA ILE A 148 27.10 -12.96 35.34
C ILE A 148 26.12 -13.27 34.23
N SER A 149 25.64 -14.50 34.20
CA SER A 149 24.58 -14.88 33.28
C SER A 149 23.28 -15.03 34.05
N ILE A 150 22.18 -14.52 33.49
CA ILE A 150 20.89 -14.61 34.15
C ILE A 150 19.85 -15.28 33.26
N PRO A 151 19.88 -16.62 33.20
CA PRO A 151 18.93 -17.40 32.41
C PRO A 151 17.48 -17.16 32.85
N LEU A 152 16.59 -16.99 31.87
CA LEU A 152 15.20 -16.65 32.15
C LEU A 152 14.25 -17.80 31.86
N GLN A 153 13.01 -17.67 32.33
CA GLN A 153 11.98 -18.66 32.05
C GLN A 153 11.32 -18.36 30.71
N GLY A 154 10.57 -19.32 30.18
CA GLY A 154 9.90 -19.16 28.92
C GLY A 154 10.14 -20.32 27.97
N ASP A 155 9.15 -20.61 27.13
CA ASP A 155 9.25 -21.74 26.21
C ASP A 155 9.39 -21.29 24.76
N ASP A 156 9.40 -19.97 24.56
CA ASP A 156 9.70 -19.39 23.25
C ASP A 156 10.28 -17.99 23.44
N ASP A 157 10.93 -17.47 22.42
CA ASP A 157 11.67 -16.21 22.52
C ASP A 157 10.78 -15.00 22.85
N ASP A 158 9.53 -15.05 22.43
CA ASP A 158 8.59 -13.96 22.72
C ASP A 158 8.23 -13.96 24.21
N GLU A 159 8.00 -15.16 24.75
CA GLU A 159 7.67 -15.33 26.15
C GLU A 159 8.85 -14.97 27.04
N ILE A 160 10.05 -15.32 26.58
CA ILE A 160 11.28 -15.03 27.32
C ILE A 160 11.54 -13.53 27.40
N LEU A 161 11.32 -12.83 26.30
CA LEU A 161 11.54 -11.38 26.26
C LEU A 161 10.58 -10.65 27.21
N LYS A 162 9.34 -11.13 27.26
CA LYS A 162 8.35 -10.55 28.16
C LYS A 162 8.76 -10.75 29.61
N ASN A 163 9.32 -11.91 29.91
CA ASN A 163 9.83 -12.18 31.25
C ASN A 163 11.02 -11.30 31.59
N TYR A 164 11.85 -11.00 30.59
CA TYR A 164 12.96 -10.08 30.79
C TYR A 164 12.46 -8.69 31.12
N GLN A 165 11.54 -8.19 30.30
CA GLN A 165 11.01 -6.85 30.45
C GLN A 165 10.26 -6.67 31.77
N VAL A 166 9.80 -7.79 32.33
CA VAL A 166 9.18 -7.77 33.66
C VAL A 166 10.22 -7.46 34.74
N VAL A 167 11.35 -8.16 34.69
CA VAL A 167 12.35 -8.07 35.75
C VAL A 167 13.41 -7.01 35.51
N GLU A 168 13.45 -6.47 34.29
CA GLU A 168 14.46 -5.48 33.91
C GLU A 168 14.54 -4.25 34.83
N PRO A 169 13.39 -3.65 35.21
CA PRO A 169 13.49 -2.45 36.06
C PRO A 169 14.22 -2.67 37.39
N GLU A 170 13.94 -3.78 38.06
CA GLU A 170 14.57 -4.08 39.35
C GLU A 170 15.98 -4.61 39.17
N LEU A 171 16.21 -5.31 38.06
CA LEU A 171 17.52 -5.88 37.77
C LEU A 171 18.53 -4.79 37.45
N GLN A 172 18.04 -3.67 36.92
CA GLN A 172 18.88 -2.56 36.51
C GLN A 172 19.41 -1.76 37.71
N GLN A 173 18.82 -2.00 38.88
CA GLN A 173 19.19 -1.25 40.08
C GLN A 173 20.24 -1.96 40.93
N VAL A 174 20.65 -3.14 40.50
CA VAL A 174 21.70 -3.89 41.19
C VAL A 174 23.03 -3.14 41.09
N ASN A 175 23.83 -3.20 42.15
CA ASN A 175 25.14 -2.56 42.20
C ASN A 175 25.04 -1.05 41.99
N GLY A 176 24.08 -0.43 42.65
CA GLY A 176 23.90 1.01 42.58
C GLY A 176 23.59 1.53 41.19
N GLY A 177 23.10 0.65 40.32
CA GLY A 177 22.75 1.04 38.97
C GLY A 177 23.89 0.86 37.98
N ASP A 178 25.10 0.67 38.49
CA ASP A 178 26.25 0.44 37.63
C ASP A 178 26.35 -1.04 37.26
N ILE A 179 25.28 -1.55 36.65
CA ILE A 179 25.29 -2.88 36.08
C ILE A 179 24.88 -2.77 34.62
N ARG A 180 25.76 -3.23 33.73
CA ARG A 180 25.49 -3.11 32.30
C ARG A 180 24.86 -4.39 31.78
N LEU A 181 23.66 -4.26 31.24
CA LEU A 181 22.91 -5.41 30.77
C LEU A 181 23.07 -5.60 29.26
N ALA A 182 23.48 -6.79 28.86
CA ALA A 182 23.64 -7.12 27.45
C ALA A 182 23.13 -8.53 27.18
N GLY A 183 23.39 -9.02 25.97
CA GLY A 183 22.92 -10.34 25.58
C GLY A 183 21.71 -10.24 24.66
N LEU A 184 20.97 -11.33 24.54
CA LEU A 184 19.86 -11.42 23.61
C LEU A 184 18.68 -10.53 23.98
N ASN A 185 18.20 -10.65 25.21
CA ASN A 185 16.97 -9.97 25.62
C ASN A 185 17.09 -8.45 25.82
N PRO A 186 18.20 -7.96 26.41
CA PRO A 186 18.32 -6.49 26.42
C PRO A 186 18.38 -5.89 25.02
N LEU A 187 19.00 -6.61 24.09
CA LEU A 187 19.11 -6.16 22.72
C LEU A 187 17.78 -6.28 21.98
N ALA A 188 17.04 -7.35 22.25
CA ALA A 188 15.75 -7.57 21.61
C ALA A 188 14.71 -6.55 22.09
N SER A 189 14.79 -6.18 23.36
CA SER A 189 13.89 -5.19 23.93
C SER A 189 14.16 -3.81 23.34
N GLU A 190 15.41 -3.56 22.99
CA GLU A 190 15.80 -2.28 22.41
C GLU A 190 15.43 -2.21 20.94
N LEU A 191 15.57 -3.34 20.23
CA LEU A 191 15.26 -3.41 18.82
C LEU A 191 13.75 -3.31 18.57
N THR A 192 12.98 -4.04 19.36
CA THR A 192 11.53 -3.97 19.26
C THR A 192 11.01 -2.65 19.83
N GLY A 193 11.81 -2.05 20.71
CA GLY A 193 11.45 -0.79 21.33
C GLY A 193 11.50 0.38 20.37
N THR A 194 12.12 0.17 19.21
CA THR A 194 12.23 1.20 18.19
C THR A 194 10.87 1.49 17.55
N ILE A 195 9.98 0.51 17.62
CA ILE A 195 8.63 0.65 17.06
C ILE A 195 7.89 1.84 17.65
N GLY A 196 7.80 1.87 18.98
CA GLY A 196 7.09 2.93 19.68
C GLY A 196 7.66 4.30 19.39
N GLU A 197 8.98 4.38 19.29
CA GLU A 197 9.65 5.64 19.01
C GLU A 197 9.29 6.17 17.62
N ASP A 198 9.22 5.26 16.64
CA ASP A 198 8.86 5.64 15.29
C ASP A 198 7.38 6.01 15.19
N GLN A 199 6.55 5.30 15.94
CA GLN A 199 5.13 5.61 16.00
C GLN A 199 4.91 7.01 16.57
N LYS A 200 5.55 7.28 17.70
CA LYS A 200 5.41 8.56 18.38
C LYS A 200 5.99 9.69 17.55
N ARG A 201 7.06 9.40 16.81
CA ARG A 201 7.67 10.41 15.95
C ARG A 201 6.76 10.73 14.79
N ALA A 202 5.96 9.74 14.37
CA ALA A 202 4.99 9.96 13.31
C ALA A 202 3.79 10.74 13.83
N GLU A 203 3.36 10.40 15.03
CA GLU A 203 2.19 11.04 15.64
C GLU A 203 2.42 12.51 15.96
N VAL A 204 3.68 12.89 16.13
CA VAL A 204 4.01 14.25 16.56
C VAL A 204 4.64 15.09 15.44
N ALA A 205 5.50 14.47 14.64
CA ALA A 205 6.21 15.21 13.59
C ALA A 205 5.53 15.08 12.23
N ALA A 206 5.02 13.90 11.92
CA ALA A 206 4.45 13.63 10.61
C ALA A 206 3.01 14.12 10.48
N ILE A 207 2.21 13.93 11.52
CA ILE A 207 0.79 14.29 11.48
C ILE A 207 0.53 15.78 11.23
N PRO A 208 1.15 16.68 12.03
CA PRO A 208 0.87 18.09 11.75
C PRO A 208 1.44 18.53 10.41
N LEU A 209 2.54 17.90 10.00
CA LEU A 209 3.17 18.19 8.72
C LEU A 209 2.24 17.82 7.57
N VAL A 210 1.59 16.67 7.70
CA VAL A 210 0.59 16.23 6.73
C VAL A 210 -0.60 17.18 6.75
N ALA A 211 -1.01 17.58 7.95
CA ALA A 211 -2.13 18.51 8.11
C ALA A 211 -1.87 19.83 7.41
N VAL A 212 -0.64 20.31 7.50
CA VAL A 212 -0.26 21.55 6.84
C VAL A 212 -0.27 21.40 5.32
N VAL A 213 0.34 20.33 4.83
CA VAL A 213 0.35 20.02 3.41
C VAL A 213 -1.07 19.95 2.86
N LEU A 214 -1.94 19.25 3.58
CA LEU A 214 -3.34 19.14 3.21
C LEU A 214 -4.03 20.50 3.21
N PHE A 215 -3.64 21.37 4.15
CA PHE A 215 -4.27 22.67 4.28
C PHE A 215 -3.73 23.66 3.24
N PHE A 216 -2.68 23.26 2.54
CA PHE A 216 -2.16 24.07 1.44
C PHE A 216 -2.59 23.49 0.10
N VAL A 217 -3.22 22.31 0.16
CA VAL A 217 -3.82 21.71 -1.03
C VAL A 217 -5.24 22.25 -1.19
N PHE A 218 -6.03 22.13 -0.14
CA PHE A 218 -7.34 22.78 -0.07
C PHE A 218 -7.21 24.01 0.81
N GLY A 219 -7.94 25.06 0.48
CA GLY A 219 -7.90 26.28 1.29
C GLY A 219 -8.83 26.21 2.48
N THR A 220 -9.36 25.02 2.76
CA THR A 220 -10.42 24.87 3.74
C THR A 220 -10.03 23.89 4.85
N VAL A 221 -10.59 24.08 6.04
CA VAL A 221 -10.37 23.18 7.17
C VAL A 221 -11.03 21.82 6.97
N ILE A 222 -12.33 21.83 6.69
CA ILE A 222 -13.09 20.59 6.52
C ILE A 222 -12.55 19.73 5.38
N ALA A 223 -12.30 20.35 4.24
CA ALA A 223 -11.81 19.64 3.07
C ALA A 223 -10.41 19.07 3.30
N ALA A 224 -9.64 19.70 4.17
CA ALA A 224 -8.29 19.25 4.47
C ALA A 224 -8.28 18.20 5.58
N ALA A 225 -9.28 18.25 6.44
CA ALA A 225 -9.34 17.35 7.60
C ALA A 225 -9.85 15.96 7.21
N LEU A 226 -10.74 15.91 6.22
CA LEU A 226 -11.35 14.65 5.81
C LEU A 226 -10.35 13.55 5.41
N PRO A 227 -9.32 13.87 4.60
CA PRO A 227 -8.37 12.80 4.29
C PRO A 227 -7.59 12.33 5.51
N ALA A 228 -7.33 13.25 6.44
CA ALA A 228 -6.60 12.91 7.66
C ALA A 228 -7.43 11.99 8.55
N ILE A 229 -8.73 12.23 8.61
CA ILE A 229 -9.64 11.39 9.39
C ILE A 229 -9.70 9.99 8.81
N ILE A 230 -9.68 9.91 7.48
CA ILE A 230 -9.72 8.62 6.78
C ILE A 230 -8.48 7.78 7.09
N GLY A 231 -7.32 8.42 7.07
CA GLY A 231 -6.08 7.72 7.40
C GLY A 231 -6.08 7.19 8.82
N GLY A 232 -6.62 7.98 9.74
CA GLY A 232 -6.72 7.58 11.13
C GLY A 232 -7.67 6.41 11.33
N LEU A 233 -8.74 6.38 10.54
CA LEU A 233 -9.70 5.28 10.59
C LEU A 233 -9.11 4.03 9.94
N ALA A 234 -8.21 4.24 8.99
CA ALA A 234 -7.56 3.14 8.30
C ALA A 234 -6.56 2.43 9.21
N ILE A 235 -5.74 3.21 9.89
CA ILE A 235 -4.76 2.66 10.83
C ILE A 235 -5.45 1.88 11.94
N ALA A 236 -6.51 2.46 12.50
CA ALA A 236 -7.27 1.82 13.57
C ALA A 236 -7.85 0.49 13.10
N GLY A 237 -8.53 0.51 11.96
CA GLY A 237 -9.16 -0.68 11.42
C GLY A 237 -8.16 -1.75 10.99
N ALA A 238 -7.05 -1.32 10.39
CA ALA A 238 -6.04 -2.26 9.90
C ALA A 238 -5.35 -2.99 11.05
N LEU A 239 -5.10 -2.27 12.14
CA LEU A 239 -4.47 -2.88 13.31
C LEU A 239 -5.43 -3.86 13.97
N GLY A 240 -6.72 -3.58 13.89
CA GLY A 240 -7.73 -4.48 14.40
C GLY A 240 -7.78 -5.76 13.59
N ILE A 241 -7.64 -5.61 12.27
CA ILE A 241 -7.59 -6.76 11.39
C ILE A 241 -6.34 -7.60 11.67
N MET A 242 -5.20 -6.94 11.83
CA MET A 242 -3.96 -7.62 12.12
C MET A 242 -4.00 -8.32 13.47
N ARG A 243 -4.76 -7.75 14.40
CA ARG A 243 -4.96 -8.37 15.70
C ARG A 243 -5.80 -9.64 15.54
N LEU A 244 -6.74 -9.59 14.61
CA LEU A 244 -7.58 -10.75 14.30
C LEU A 244 -6.76 -11.82 13.60
N VAL A 245 -5.88 -11.40 12.70
CA VAL A 245 -4.98 -12.31 12.00
C VAL A 245 -4.09 -13.05 13.00
N ALA A 246 -3.70 -12.36 14.07
CA ALA A 246 -2.84 -12.94 15.10
C ALA A 246 -3.50 -14.12 15.81
N GLU A 247 -4.82 -14.20 15.72
CA GLU A 247 -5.55 -15.30 16.35
C GLU A 247 -5.40 -16.61 15.59
N PHE A 248 -4.87 -16.53 14.37
CA PHE A 248 -4.75 -17.71 13.52
C PHE A 248 -3.30 -18.02 13.15
N THR A 249 -2.48 -16.98 13.05
CA THR A 249 -1.10 -17.12 12.60
C THR A 249 -0.22 -16.05 13.24
N PRO A 250 1.08 -16.36 13.44
CA PRO A 250 2.00 -15.38 14.03
C PRO A 250 2.13 -14.09 13.22
N VAL A 251 2.00 -12.97 13.91
CA VAL A 251 2.20 -11.65 13.29
C VAL A 251 3.49 -11.03 13.81
N HIS A 252 4.35 -10.60 12.90
CA HIS A 252 5.65 -10.05 13.27
C HIS A 252 5.54 -8.64 13.84
N PHE A 253 6.46 -8.30 14.73
CA PHE A 253 6.57 -6.95 15.30
C PHE A 253 6.55 -5.86 14.24
N PHE A 254 7.24 -6.13 13.12
CA PHE A 254 7.47 -5.12 12.08
C PHE A 254 6.23 -4.78 11.29
N ALA A 255 5.14 -5.51 11.51
CA ALA A 255 3.90 -5.30 10.78
C ALA A 255 3.20 -4.00 11.21
N GLN A 256 3.34 -3.66 12.49
CA GLN A 256 2.70 -2.46 13.03
C GLN A 256 3.20 -1.16 12.38
N PRO A 257 4.52 -0.95 12.30
CA PRO A 257 4.96 0.29 11.65
C PRO A 257 4.64 0.35 10.15
N VAL A 258 4.60 -0.82 9.50
CA VAL A 258 4.27 -0.88 8.08
C VAL A 258 2.87 -0.34 7.83
N VAL A 259 1.95 -0.65 8.75
CA VAL A 259 0.59 -0.13 8.67
C VAL A 259 0.59 1.39 8.69
N THR A 260 1.48 1.96 9.49
CA THR A 260 1.58 3.41 9.60
C THR A 260 2.41 4.03 8.48
N LEU A 261 3.56 3.40 8.18
CA LEU A 261 4.45 3.92 7.15
C LEU A 261 3.83 3.92 5.76
N ILE A 262 3.20 2.82 5.40
CA ILE A 262 2.66 2.63 4.06
C ILE A 262 1.16 2.92 4.01
N GLY A 263 0.41 2.35 4.95
CA GLY A 263 -1.03 2.50 4.97
C GLY A 263 -1.51 3.93 5.11
N LEU A 264 -0.99 4.63 6.10
CA LEU A 264 -1.40 6.01 6.40
C LEU A 264 -1.26 6.94 5.20
N GLY A 265 -0.07 6.96 4.60
CA GLY A 265 0.18 7.81 3.45
C GLY A 265 -0.71 7.51 2.27
N ILE A 266 -0.89 6.22 1.98
CA ILE A 266 -1.74 5.78 0.88
C ILE A 266 -3.20 6.14 1.12
N ALA A 267 -3.67 5.92 2.34
CA ALA A 267 -5.05 6.22 2.71
C ALA A 267 -5.35 7.71 2.56
N ILE A 268 -4.45 8.54 3.06
CA ILE A 268 -4.61 9.99 2.96
C ILE A 268 -4.55 10.44 1.50
N ASP A 269 -3.65 9.81 0.73
CA ASP A 269 -3.55 10.08 -0.70
C ASP A 269 -4.86 9.75 -1.42
N TYR A 270 -5.48 8.65 -1.03
CA TYR A 270 -6.78 8.26 -1.59
C TYR A 270 -7.84 9.30 -1.28
N GLY A 271 -7.94 9.67 0.00
CA GLY A 271 -8.90 10.67 0.44
C GLY A 271 -8.69 12.00 -0.24
N LEU A 272 -7.43 12.40 -0.38
CA LEU A 272 -7.08 13.64 -1.05
C LEU A 272 -7.58 13.67 -2.49
N PHE A 273 -7.39 12.57 -3.19
CA PHE A 273 -7.80 12.44 -4.58
C PHE A 273 -9.32 12.55 -4.74
N ILE A 274 -10.05 11.89 -3.84
CA ILE A 274 -11.50 11.82 -3.94
C ILE A 274 -12.18 13.12 -3.55
N VAL A 275 -11.74 13.73 -2.45
CA VAL A 275 -12.27 15.01 -2.01
C VAL A 275 -12.00 16.09 -3.07
N SER A 276 -10.81 16.03 -3.66
CA SER A 276 -10.43 16.97 -4.72
C SER A 276 -11.33 16.83 -5.94
N ARG A 277 -11.66 15.58 -6.29
CA ARG A 277 -12.53 15.31 -7.42
C ARG A 277 -13.96 15.78 -7.13
N PHE A 278 -14.40 15.53 -5.91
CA PHE A 278 -15.75 15.93 -5.48
C PHE A 278 -15.95 17.43 -5.63
N ARG A 279 -14.89 18.20 -5.43
CA ARG A 279 -14.95 19.65 -5.53
C ARG A 279 -14.99 20.12 -6.99
N GLU A 280 -14.29 19.39 -7.86
CA GLU A 280 -14.36 19.66 -9.30
C GLU A 280 -15.79 19.56 -9.78
N GLU A 281 -16.44 18.43 -9.44
CA GLU A 281 -17.80 18.16 -9.85
C GLU A 281 -18.77 19.22 -9.36
N ILE A 282 -18.63 19.63 -8.10
CA ILE A 282 -19.44 20.70 -7.52
C ILE A 282 -19.25 21.99 -8.31
N ALA A 283 -18.00 22.29 -8.64
CA ALA A 283 -17.66 23.50 -9.37
C ALA A 283 -18.12 23.43 -10.83
N GLU A 284 -18.27 22.22 -11.35
CA GLU A 284 -18.73 22.03 -12.72
C GLU A 284 -20.24 22.21 -12.82
N GLY A 285 -20.91 22.28 -11.67
CA GLY A 285 -22.33 22.58 -11.62
C GLY A 285 -23.22 21.47 -11.13
N TYR A 286 -22.65 20.29 -10.91
CA TYR A 286 -23.42 19.15 -10.43
C TYR A 286 -23.78 19.33 -8.95
N ASP A 287 -24.98 18.92 -8.58
CA ASP A 287 -25.40 18.99 -7.18
C ASP A 287 -24.70 17.90 -6.37
N THR A 288 -24.91 17.91 -5.06
CA THR A 288 -24.21 16.99 -4.16
C THR A 288 -24.38 15.52 -4.55
N GLU A 289 -25.63 15.10 -4.73
CA GLU A 289 -25.95 13.71 -5.05
C GLU A 289 -25.24 13.23 -6.32
N ALA A 290 -25.28 14.04 -7.36
CA ALA A 290 -24.65 13.68 -8.63
C ALA A 290 -23.13 13.73 -8.52
N ALA A 291 -22.63 14.73 -7.79
CA ALA A 291 -21.19 14.90 -7.61
C ALA A 291 -20.59 13.70 -6.89
N VAL A 292 -21.31 13.17 -5.92
CA VAL A 292 -20.88 12.00 -5.18
C VAL A 292 -20.72 10.80 -6.11
N ARG A 293 -21.74 10.58 -6.96
CA ARG A 293 -21.73 9.44 -7.87
C ARG A 293 -20.61 9.57 -8.90
N ARG A 294 -20.48 10.75 -9.50
CA ARG A 294 -19.46 10.98 -10.51
C ARG A 294 -18.05 10.85 -9.94
N THR A 295 -17.91 11.18 -8.66
CA THR A 295 -16.62 11.04 -7.98
C THR A 295 -16.26 9.57 -7.80
N VAL A 296 -17.25 8.76 -7.42
CA VAL A 296 -17.05 7.33 -7.24
C VAL A 296 -16.78 6.63 -8.57
N MET A 297 -17.55 7.02 -9.58
CA MET A 297 -17.43 6.42 -10.91
C MET A 297 -16.08 6.66 -11.55
N THR A 298 -15.43 7.75 -11.17
CA THR A 298 -14.14 8.11 -11.75
C THR A 298 -12.99 7.90 -10.77
N SER A 299 -12.96 8.71 -9.71
CA SER A 299 -11.89 8.66 -8.74
C SER A 299 -11.94 7.41 -7.87
N GLY A 300 -13.14 7.05 -7.41
CA GLY A 300 -13.33 5.85 -6.63
C GLY A 300 -12.86 4.64 -7.40
N ARG A 301 -13.19 4.64 -8.69
CA ARG A 301 -12.74 3.62 -9.62
C ARG A 301 -11.22 3.58 -9.72
N THR A 302 -10.61 4.76 -9.74
CA THR A 302 -9.16 4.88 -9.81
C THR A 302 -8.51 4.41 -8.51
N VAL A 303 -9.18 4.66 -7.40
CA VAL A 303 -8.69 4.23 -6.09
C VAL A 303 -8.73 2.72 -5.94
N VAL A 304 -9.87 2.12 -6.27
CA VAL A 304 -10.03 0.67 -6.18
C VAL A 304 -9.01 -0.05 -7.07
N PHE A 305 -8.85 0.46 -8.29
CA PHE A 305 -7.90 -0.12 -9.23
C PHE A 305 -6.47 0.06 -8.73
N SER A 306 -6.22 1.17 -8.04
CA SER A 306 -4.93 1.42 -7.43
C SER A 306 -4.64 0.38 -6.35
N ALA A 307 -5.67 0.05 -5.57
CA ALA A 307 -5.55 -0.94 -4.51
C ALA A 307 -5.22 -2.32 -5.09
N VAL A 308 -5.84 -2.64 -6.22
CA VAL A 308 -5.59 -3.90 -6.91
C VAL A 308 -4.13 -4.01 -7.32
N ILE A 309 -3.59 -2.92 -7.88
CA ILE A 309 -2.21 -2.88 -8.30
C ILE A 309 -1.24 -3.13 -7.14
N ILE A 310 -1.51 -2.49 -6.01
CA ILE A 310 -0.66 -2.62 -4.84
C ILE A 310 -0.76 -4.01 -4.22
N VAL A 311 -1.97 -4.56 -4.19
CA VAL A 311 -2.18 -5.93 -3.70
C VAL A 311 -1.46 -6.93 -4.60
N ALA A 312 -1.60 -6.73 -5.92
CA ALA A 312 -0.95 -7.60 -6.90
C ALA A 312 0.57 -7.49 -6.82
N SER A 313 1.04 -6.39 -6.26
CA SER A 313 2.48 -6.18 -6.09
C SER A 313 2.96 -6.74 -4.76
N SER A 314 2.02 -7.06 -3.87
CA SER A 314 2.36 -7.52 -2.53
C SER A 314 2.27 -9.04 -2.40
N VAL A 315 1.23 -9.62 -3.01
CA VAL A 315 0.99 -11.05 -2.97
C VAL A 315 2.18 -11.95 -3.34
N PRO A 316 2.97 -11.57 -4.37
CA PRO A 316 4.13 -12.42 -4.69
C PRO A 316 5.12 -12.63 -3.54
N LEU A 317 5.07 -11.77 -2.52
CA LEU A 317 5.93 -11.93 -1.35
C LEU A 317 5.60 -13.22 -0.59
N LEU A 318 4.38 -13.71 -0.78
CA LEU A 318 3.93 -14.92 -0.08
C LEU A 318 4.65 -16.16 -0.62
N LEU A 319 5.34 -16.02 -1.74
CA LEU A 319 6.18 -17.09 -2.26
C LEU A 319 7.37 -17.32 -1.33
N PHE A 320 7.75 -16.29 -0.60
CA PHE A 320 8.85 -16.39 0.35
C PHE A 320 8.38 -17.03 1.65
N PRO A 321 9.17 -17.95 2.19
CA PRO A 321 8.79 -18.74 3.37
C PRO A 321 8.97 -18.00 4.70
N GLN A 322 9.61 -16.84 4.67
CA GLN A 322 9.83 -16.08 5.90
C GLN A 322 8.53 -15.49 6.44
N GLY A 323 8.20 -15.83 7.69
CA GLY A 323 6.99 -15.32 8.33
C GLY A 323 7.01 -13.81 8.44
N PHE A 324 8.22 -13.25 8.52
CA PHE A 324 8.43 -11.81 8.52
C PHE A 324 7.77 -11.16 7.31
N LEU A 325 8.01 -11.72 6.13
CA LEU A 325 7.45 -11.18 4.90
C LEU A 325 5.96 -11.45 4.77
N LYS A 326 5.50 -12.58 5.31
CA LYS A 326 4.10 -12.95 5.23
C LYS A 326 3.23 -12.00 6.06
N SER A 327 3.67 -11.74 7.30
CA SER A 327 2.97 -10.81 8.17
C SER A 327 2.86 -9.43 7.53
N ILE A 328 3.98 -8.96 6.99
CA ILE A 328 4.03 -7.66 6.33
C ILE A 328 3.11 -7.62 5.12
N THR A 329 3.14 -8.68 4.33
CA THR A 329 2.26 -8.77 3.16
C THR A 329 0.80 -8.68 3.58
N TYR A 330 0.45 -9.37 4.66
CA TYR A 330 -0.90 -9.31 5.21
C TYR A 330 -1.22 -7.89 5.67
N ALA A 331 -0.22 -7.24 6.26
CA ALA A 331 -0.39 -5.88 6.76
C ALA A 331 -0.61 -4.88 5.63
N ILE A 332 0.15 -5.03 4.56
CA ILE A 332 0.00 -4.16 3.39
C ILE A 332 -1.37 -4.32 2.76
N ILE A 333 -1.75 -5.58 2.50
CA ILE A 333 -3.04 -5.90 1.90
C ILE A 333 -4.20 -5.37 2.72
N ALA A 334 -4.14 -5.60 4.03
CA ALA A 334 -5.18 -5.12 4.94
C ALA A 334 -5.27 -3.60 4.94
N SER A 335 -4.11 -2.94 4.90
CA SER A 335 -4.05 -1.49 4.91
C SER A 335 -4.62 -0.88 3.64
N VAL A 336 -4.13 -1.34 2.50
CA VAL A 336 -4.50 -0.76 1.22
C VAL A 336 -5.97 -1.01 0.87
N MET A 337 -6.44 -2.23 1.11
CA MET A 337 -7.83 -2.56 0.85
C MET A 337 -8.77 -1.73 1.69
N LEU A 338 -8.48 -1.63 2.98
CA LEU A 338 -9.30 -0.85 3.91
C LEU A 338 -9.27 0.63 3.53
N ALA A 339 -8.11 1.10 3.09
CA ALA A 339 -7.95 2.49 2.67
C ALA A 339 -8.85 2.80 1.48
N ALA A 340 -8.83 1.91 0.49
CA ALA A 340 -9.64 2.07 -0.71
C ALA A 340 -11.13 2.03 -0.37
N ILE A 341 -11.51 1.09 0.49
CA ILE A 341 -12.90 0.92 0.89
C ILE A 341 -13.41 2.14 1.65
N LEU A 342 -12.61 2.63 2.60
CA LEU A 342 -12.98 3.78 3.41
C LEU A 342 -13.18 5.04 2.57
N SER A 343 -12.37 5.20 1.54
CA SER A 343 -12.41 6.39 0.70
C SER A 343 -13.69 6.43 -0.14
N ILE A 344 -14.29 5.28 -0.39
CA ILE A 344 -15.50 5.21 -1.19
C ILE A 344 -16.73 4.82 -0.35
N THR A 345 -16.57 4.83 0.97
CA THR A 345 -17.70 4.59 1.86
C THR A 345 -17.88 5.74 2.84
N VAL A 346 -17.05 5.78 3.87
CA VAL A 346 -17.11 6.85 4.88
C VAL A 346 -16.94 8.22 4.25
N LEU A 347 -15.89 8.36 3.45
CA LEU A 347 -15.55 9.65 2.85
C LEU A 347 -16.61 10.13 1.88
N ALA A 348 -17.09 9.21 1.04
CA ALA A 348 -18.15 9.54 0.08
C ALA A 348 -19.42 9.97 0.81
N ALA A 349 -19.77 9.23 1.85
CA ALA A 349 -20.96 9.53 2.65
C ALA A 349 -20.81 10.87 3.36
N ALA A 350 -19.61 11.16 3.84
CA ALA A 350 -19.34 12.43 4.51
C ALA A 350 -19.55 13.60 3.55
N LEU A 351 -19.00 13.47 2.35
CA LEU A 351 -19.19 14.48 1.31
C LEU A 351 -20.66 14.59 0.92
N ALA A 352 -21.38 13.49 1.04
CA ALA A 352 -22.80 13.44 0.70
C ALA A 352 -23.66 14.16 1.74
N ILE A 353 -23.14 14.26 2.96
CA ILE A 353 -23.84 14.97 4.03
C ILE A 353 -23.39 16.42 4.07
N LEU A 354 -22.10 16.64 3.80
CA LEU A 354 -21.54 17.99 3.83
C LEU A 354 -21.89 18.78 2.58
N GLY A 355 -21.73 18.15 1.42
CA GLY A 355 -21.96 18.84 0.15
C GLY A 355 -20.95 19.95 -0.03
N PRO A 356 -21.44 21.15 -0.39
CA PRO A 356 -20.58 22.33 -0.55
C PRO A 356 -20.04 22.87 0.77
N ARG A 357 -20.56 22.36 1.89
CA ARG A 357 -20.12 22.82 3.21
C ARG A 357 -18.72 22.32 3.54
N VAL A 358 -18.14 21.51 2.64
CA VAL A 358 -16.76 21.09 2.78
C VAL A 358 -15.83 22.27 2.56
N ASP A 359 -16.38 23.38 2.06
CA ASP A 359 -15.63 24.61 1.86
C ASP A 359 -16.26 25.76 2.66
N ALA A 360 -17.04 25.42 3.67
CA ALA A 360 -17.72 26.43 4.48
C ALA A 360 -16.75 27.17 5.40
N LEU A 361 -15.77 26.44 5.92
CA LEU A 361 -14.79 26.98 6.86
C LEU A 361 -13.44 27.13 6.27
N GLY A 362 -12.98 28.36 6.18
CA GLY A 362 -11.74 28.63 5.51
C GLY A 362 -10.66 29.06 6.47
N VAL A 363 -9.62 29.61 5.89
CA VAL A 363 -8.47 30.07 6.63
C VAL A 363 -8.83 30.98 7.80
N THR A 364 -9.98 31.63 7.75
CA THR A 364 -10.23 32.56 8.84
C THR A 364 -10.39 31.89 10.20
N THR A 365 -11.05 30.73 10.21
CA THR A 365 -11.48 30.12 11.49
C THR A 365 -10.53 29.69 12.61
N LEU A 366 -9.50 28.90 12.34
CA LEU A 366 -8.54 28.63 13.39
C LEU A 366 -7.42 29.68 13.42
N LEU A 367 -7.27 30.43 12.34
CA LEU A 367 -6.34 31.56 12.33
C LEU A 367 -7.00 32.81 12.88
N PHE A 402 4.34 27.92 -17.34
CA PHE A 402 4.41 27.16 -18.58
C PHE A 402 5.35 25.98 -18.41
N TRP A 403 5.22 25.37 -17.23
CA TRP A 403 5.48 23.95 -17.00
C TRP A 403 5.03 23.13 -18.20
N GLY A 404 3.91 23.58 -18.77
CA GLY A 404 3.20 22.90 -19.83
C GLY A 404 3.79 22.76 -21.21
N ARG A 405 4.95 23.37 -21.39
CA ARG A 405 5.70 23.33 -22.62
C ARG A 405 7.05 22.75 -22.22
N LEU A 406 7.32 22.75 -20.92
CA LEU A 406 8.57 22.20 -20.43
C LEU A 406 8.59 20.80 -20.99
N VAL A 407 7.44 20.13 -20.96
CA VAL A 407 7.27 18.83 -21.58
C VAL A 407 7.70 18.98 -23.04
N ASN A 408 7.14 19.97 -23.75
CA ASN A 408 7.47 20.24 -25.16
C ASN A 408 8.97 20.32 -25.42
N VAL A 409 9.72 20.99 -24.53
CA VAL A 409 11.17 21.07 -24.64
C VAL A 409 11.75 19.69 -24.79
N VAL A 410 11.37 18.78 -23.90
CA VAL A 410 11.86 17.41 -23.99
C VAL A 410 11.15 16.70 -25.12
N MET A 411 9.91 17.09 -25.39
CA MET A 411 9.18 16.48 -26.47
C MET A 411 9.93 16.72 -27.76
N LYS A 412 10.32 17.97 -28.00
CA LYS A 412 11.07 18.31 -29.20
C LYS A 412 12.46 17.69 -29.10
N ARG A 413 12.98 17.69 -27.88
CA ARG A 413 14.30 17.17 -27.56
C ARG A 413 14.18 15.89 -26.74
N PRO A 414 13.71 14.80 -27.36
CA PRO A 414 13.55 13.54 -26.63
C PRO A 414 14.90 12.93 -26.25
N ILE A 415 15.79 12.83 -27.23
CA ILE A 415 17.08 12.18 -27.04
C ILE A 415 18.05 13.07 -26.27
N ALA A 416 17.73 14.36 -26.17
CA ALA A 416 18.55 15.28 -25.41
C ALA A 416 18.43 15.00 -23.91
N PHE A 417 17.32 14.38 -23.52
CA PHE A 417 17.07 14.10 -22.10
C PHE A 417 17.09 12.61 -21.79
N ALA A 418 16.57 11.80 -22.69
CA ALA A 418 16.45 10.36 -22.45
C ALA A 418 17.80 9.68 -22.27
N ALA A 419 18.62 9.74 -23.32
CA ALA A 419 19.92 9.05 -23.34
C ALA A 419 20.83 9.34 -22.14
N PRO A 420 20.94 10.61 -21.72
CA PRO A 420 21.77 10.82 -20.51
C PRO A 420 21.16 10.16 -19.27
N ILE A 421 19.88 10.44 -19.02
CA ILE A 421 19.18 9.86 -17.88
C ILE A 421 19.17 8.33 -17.95
N LEU A 422 18.96 7.81 -19.16
CA LEU A 422 18.95 6.36 -19.38
C LEU A 422 20.29 5.73 -19.00
N VAL A 423 21.37 6.50 -19.12
CA VAL A 423 22.69 6.03 -18.76
C VAL A 423 22.98 6.28 -17.28
N VAL A 424 22.59 7.46 -16.79
CA VAL A 424 22.80 7.83 -15.40
C VAL A 424 22.13 6.85 -14.43
N MET A 425 20.90 6.47 -14.73
CA MET A 425 20.17 5.56 -13.85
C MET A 425 20.70 4.12 -13.94
N VAL A 426 21.56 3.86 -14.91
CA VAL A 426 22.19 2.55 -15.03
C VAL A 426 23.52 2.51 -14.26
N LEU A 427 24.24 3.63 -14.24
CA LEU A 427 25.47 3.71 -13.47
C LEU A 427 25.14 3.77 -11.97
N LEU A 428 23.87 3.99 -11.66
CA LEU A 428 23.39 3.93 -10.29
C LEU A 428 23.02 2.50 -9.91
N ILE A 429 22.99 1.62 -10.91
CA ILE A 429 22.72 0.21 -10.68
C ILE A 429 24.02 -0.52 -10.34
N ILE A 430 25.16 0.05 -10.76
CA ILE A 430 26.43 -0.62 -10.56
C ILE A 430 26.85 -0.79 -9.08
N PRO A 431 26.31 0.04 -8.15
CA PRO A 431 26.62 -0.38 -6.79
C PRO A 431 25.59 -1.36 -6.24
N LEU A 432 24.84 -2.02 -7.12
CA LEU A 432 23.90 -3.05 -6.69
C LEU A 432 24.58 -4.40 -6.92
N GLY A 433 25.66 -4.39 -7.66
CA GLY A 433 26.41 -5.62 -7.84
C GLY A 433 27.37 -5.86 -6.68
N GLN A 434 27.35 -5.01 -5.67
CA GLN A 434 28.27 -5.17 -4.56
C GLN A 434 27.62 -5.37 -3.20
N LEU A 435 26.56 -6.15 -3.09
CA LEU A 435 25.91 -6.29 -1.80
C LEU A 435 26.21 -7.52 -0.96
N SER A 436 26.24 -7.30 0.35
CA SER A 436 26.47 -8.35 1.34
C SER A 436 25.21 -8.55 2.15
N LEU A 437 25.03 -9.77 2.66
CA LEU A 437 23.84 -10.11 3.42
C LEU A 437 24.20 -10.77 4.75
N GLY A 438 23.58 -10.29 5.82
CA GLY A 438 23.82 -10.85 7.14
C GLY A 438 22.55 -10.91 7.95
N GLY A 439 22.67 -11.38 9.19
CA GLY A 439 21.53 -11.47 10.07
C GLY A 439 21.37 -10.23 10.93
N ILE A 440 20.70 -10.39 12.07
CA ILE A 440 20.48 -9.27 12.99
C ILE A 440 21.52 -9.27 14.10
N SER A 441 22.14 -8.10 14.31
CA SER A 441 23.10 -7.93 15.38
C SER A 441 22.85 -6.62 16.12
N GLU A 442 23.73 -6.29 17.06
CA GLU A 442 23.61 -5.04 17.79
C GLU A 442 23.90 -3.84 16.89
N LYS A 443 24.53 -4.10 15.75
CA LYS A 443 24.86 -3.04 14.80
C LYS A 443 23.62 -2.47 14.13
N TYR A 444 22.48 -3.14 14.27
CA TYR A 444 21.21 -2.64 13.75
C TYR A 444 20.77 -1.40 14.53
N LEU A 445 21.35 -1.22 15.71
CA LEU A 445 21.12 -0.02 16.52
C LEU A 445 22.23 1.00 16.25
N PRO A 446 21.96 2.29 16.49
CA PRO A 446 22.98 3.32 16.30
C PRO A 446 24.22 3.07 17.16
N PRO A 447 25.40 3.49 16.69
CA PRO A 447 26.66 3.22 17.39
C PRO A 447 26.78 3.90 18.76
N ASP A 448 25.89 4.85 19.05
CA ASP A 448 25.93 5.53 20.34
C ASP A 448 24.86 4.98 21.30
N ASN A 449 24.13 3.97 20.85
CA ASN A 449 23.12 3.32 21.68
C ASN A 449 23.76 2.62 22.88
N ALA A 450 23.16 2.82 24.06
CA ALA A 450 23.72 2.30 25.30
C ALA A 450 23.73 0.78 25.36
N VAL A 451 22.68 0.15 24.84
CA VAL A 451 22.59 -1.31 24.87
C VAL A 451 23.58 -1.94 23.92
N ARG A 452 23.76 -1.35 22.74
CA ARG A 452 24.74 -1.83 21.78
C ARG A 452 26.15 -1.75 22.35
N GLN A 453 26.46 -0.62 22.99
CA GLN A 453 27.79 -0.40 23.54
C GLN A 453 28.09 -1.33 24.71
N SER A 454 27.05 -1.67 25.48
CA SER A 454 27.20 -2.61 26.59
C SER A 454 27.61 -3.97 26.06
N GLN A 455 26.95 -4.41 25.00
CA GLN A 455 27.28 -5.67 24.33
C GLN A 455 28.70 -5.61 23.79
N GLU A 456 29.06 -4.47 23.21
CA GLU A 456 30.39 -4.30 22.62
C GLU A 456 31.47 -4.24 23.71
N GLN A 457 31.09 -3.77 24.91
CA GLN A 457 32.01 -3.78 26.03
C GLN A 457 32.21 -5.21 26.54
N PHE A 458 31.11 -5.96 26.59
CA PHE A 458 31.17 -7.36 27.02
C PHE A 458 32.12 -8.17 26.13
N ASP A 459 31.94 -8.04 24.82
CA ASP A 459 32.76 -8.76 23.87
C ASP A 459 34.21 -8.29 23.92
N LYS A 460 34.42 -7.07 24.41
CA LYS A 460 35.76 -6.53 24.60
C LYS A 460 36.38 -7.05 25.90
N LEU A 461 35.63 -6.92 26.99
CA LEU A 461 36.11 -7.34 28.31
C LEU A 461 36.18 -8.86 28.44
N PHE A 462 35.29 -9.55 27.75
CA PHE A 462 35.23 -11.01 27.85
C PHE A 462 35.14 -11.68 26.48
N PRO A 463 36.27 -11.73 25.76
CA PRO A 463 36.33 -12.35 24.44
C PRO A 463 36.16 -13.87 24.51
N GLY A 464 35.66 -14.47 23.45
CA GLY A 464 35.54 -15.92 23.37
C GLY A 464 34.21 -16.46 23.86
N PHE A 465 33.59 -15.75 24.80
CA PHE A 465 32.32 -16.20 25.36
C PHE A 465 31.19 -16.14 24.34
N ARG A 466 31.27 -15.15 23.44
CA ARG A 466 30.26 -15.00 22.40
C ARG A 466 30.64 -15.77 21.15
N THR A 467 29.85 -16.78 20.80
CA THR A 467 30.17 -17.66 19.69
C THR A 467 28.99 -17.85 18.73
N GLU A 468 29.30 -18.13 17.47
CA GLU A 468 28.30 -18.51 16.49
C GLU A 468 28.80 -19.70 15.68
N PRO A 469 28.81 -20.89 16.29
CA PRO A 469 29.37 -22.10 15.69
C PRO A 469 28.43 -22.81 14.73
N LEU A 470 28.99 -23.57 13.80
CA LEU A 470 28.21 -24.47 12.96
C LEU A 470 28.02 -25.78 13.70
N THR A 471 26.86 -26.39 13.55
CA THR A 471 26.57 -27.62 14.27
C THR A 471 26.34 -28.81 13.34
N LEU A 472 26.75 -29.99 13.81
CA LEU A 472 26.44 -31.23 13.12
C LEU A 472 25.48 -32.04 13.99
N VAL A 473 24.20 -31.98 13.66
CA VAL A 473 23.18 -32.66 14.45
C VAL A 473 22.91 -34.06 13.89
N MET A 474 23.30 -35.07 14.67
CA MET A 474 23.19 -36.45 14.23
C MET A 474 21.96 -37.13 14.84
N LYS A 475 21.13 -37.72 13.97
CA LYS A 475 19.96 -38.47 14.42
C LYS A 475 19.99 -39.89 13.85
N ARG A 476 20.02 -40.87 14.74
CA ARG A 476 20.01 -42.27 14.31
C ARG A 476 18.57 -42.72 14.06
N GLU A 477 18.35 -43.29 12.88
CA GLU A 477 17.00 -43.58 12.40
C GLU A 477 16.30 -44.71 13.15
N ASP A 478 17.07 -45.72 13.56
CA ASP A 478 16.50 -46.87 14.24
C ASP A 478 15.93 -46.51 15.61
N GLY A 479 16.46 -45.44 16.20
CA GLY A 479 16.03 -45.00 17.51
C GLY A 479 16.99 -45.46 18.60
N GLU A 480 18.00 -46.23 18.20
CA GLU A 480 18.99 -46.74 19.12
C GLU A 480 20.09 -45.71 19.41
N PRO A 481 20.78 -45.84 20.56
CA PRO A 481 21.84 -44.91 20.94
C PRO A 481 22.96 -44.78 19.91
N ILE A 482 23.48 -43.56 19.77
CA ILE A 482 24.64 -43.31 18.91
C ILE A 482 25.92 -43.63 19.68
N THR A 483 26.74 -44.51 19.12
CA THR A 483 27.95 -44.97 19.81
C THR A 483 29.11 -43.99 19.66
N ASP A 484 30.14 -44.19 20.47
CA ASP A 484 31.33 -43.36 20.43
C ASP A 484 32.10 -43.56 19.12
N ALA A 485 31.88 -44.70 18.48
CA ALA A 485 32.53 -45.00 17.21
C ALA A 485 31.95 -44.13 16.09
N GLN A 486 30.63 -43.97 16.11
CA GLN A 486 29.93 -43.18 15.10
C GLN A 486 30.21 -41.69 15.27
N ILE A 487 30.40 -41.27 16.51
CA ILE A 487 30.76 -39.88 16.80
C ILE A 487 32.17 -39.59 16.32
N ALA A 488 33.09 -40.48 16.65
CA ALA A 488 34.48 -40.35 16.21
C ALA A 488 34.59 -40.37 14.69
N ASP A 489 33.65 -41.07 14.05
CA ASP A 489 33.57 -41.13 12.61
C ASP A 489 33.22 -39.74 12.05
N MET A 490 32.18 -39.13 12.60
CA MET A 490 31.71 -37.84 12.11
C MET A 490 32.72 -36.73 12.36
N ARG A 491 33.38 -36.78 13.51
CA ARG A 491 34.44 -35.82 13.82
C ARG A 491 35.55 -35.86 12.79
N ALA A 492 35.92 -37.08 12.37
CA ALA A 492 36.96 -37.27 11.39
C ALA A 492 36.60 -36.62 10.06
N LYS A 493 35.37 -36.86 9.61
CA LYS A 493 34.89 -36.30 8.35
C LYS A 493 34.71 -34.79 8.45
N ALA A 494 34.54 -34.29 9.67
CA ALA A 494 34.43 -32.86 9.90
C ALA A 494 35.81 -32.21 9.81
N LEU A 495 36.83 -32.93 10.29
CA LEU A 495 38.20 -32.46 10.25
C LEU A 495 38.73 -32.46 8.81
N THR A 496 38.02 -33.15 7.92
CA THR A 496 38.32 -33.12 6.50
C THR A 496 38.14 -31.70 5.98
N VAL A 497 37.11 -31.03 6.47
CA VAL A 497 36.81 -29.65 6.09
C VAL A 497 37.66 -28.67 6.89
N SER A 498 38.27 -27.72 6.19
CA SER A 498 39.12 -26.72 6.85
C SER A 498 38.37 -25.41 7.06
N GLY A 499 38.91 -24.55 7.91
CA GLY A 499 38.33 -23.24 8.16
C GLY A 499 37.66 -23.11 9.51
N PHE A 500 37.87 -24.10 10.37
CA PHE A 500 37.28 -24.09 11.71
C PHE A 500 38.32 -23.79 12.79
N THR A 501 37.89 -23.07 13.82
CA THR A 501 38.80 -22.62 14.88
C THR A 501 39.44 -23.78 15.64
N ASP A 502 40.54 -23.49 16.33
CA ASP A 502 41.25 -24.48 17.13
C ASP A 502 42.08 -23.80 18.22
N PRO A 503 41.41 -23.30 19.26
CA PRO A 503 42.10 -22.60 20.36
C PRO A 503 43.06 -23.50 21.14
N ASP A 504 42.69 -24.76 21.31
CA ASP A 504 43.50 -25.69 22.09
C ASP A 504 44.53 -26.41 21.22
N ASN A 505 44.67 -25.95 19.98
CA ASN A 505 45.74 -26.40 19.07
C ASN A 505 45.78 -27.90 18.84
N ASP A 506 44.70 -28.58 19.19
CA ASP A 506 44.62 -30.03 19.03
C ASP A 506 43.29 -30.40 18.38
N PRO A 507 43.35 -30.95 17.16
CA PRO A 507 42.15 -31.34 16.40
C PRO A 507 41.33 -32.42 17.11
N GLU A 508 41.91 -33.04 18.13
CA GLU A 508 41.18 -33.98 18.96
C GLU A 508 40.18 -33.26 19.86
N LYS A 509 40.44 -31.97 20.09
CA LYS A 509 39.56 -31.15 20.92
C LYS A 509 38.73 -30.19 20.07
N MET A 510 38.65 -30.46 18.77
CA MET A 510 37.73 -29.73 17.91
C MET A 510 36.41 -30.47 17.84
N TRP A 511 35.36 -29.77 17.41
CA TRP A 511 34.03 -30.34 17.31
C TRP A 511 33.58 -31.00 18.61
N LYS A 512 33.71 -30.25 19.71
CA LYS A 512 33.27 -30.72 21.01
C LYS A 512 31.76 -30.90 21.04
N GLU A 513 31.27 -31.69 21.98
CA GLU A 513 29.84 -31.93 22.10
C GLU A 513 29.14 -30.72 22.72
N ARG A 514 27.96 -30.41 22.20
CA ARG A 514 27.14 -29.32 22.71
C ARG A 514 26.74 -29.55 24.16
N PRO A 515 26.75 -28.49 24.98
CA PRO A 515 26.34 -28.59 26.39
C PRO A 515 24.88 -29.01 26.54
N ALA A 516 24.55 -29.66 27.65
CA ALA A 516 23.18 -30.08 27.91
C ALA A 516 22.68 -29.52 29.23
N ASN A 517 21.42 -29.06 29.24
CA ASN A 517 20.81 -28.58 30.47
C ASN A 517 19.63 -29.46 30.86
N ASP A 518 18.83 -28.99 31.81
CA ASP A 518 17.74 -29.79 32.35
C ASP A 518 16.47 -29.71 31.49
N SER A 519 16.52 -28.89 30.45
CA SER A 519 15.40 -28.80 29.52
C SER A 519 15.53 -29.82 28.40
N GLY A 520 16.65 -30.53 28.37
CA GLY A 520 16.93 -31.48 27.31
C GLY A 520 16.50 -32.90 27.61
N SER A 521 16.02 -33.60 26.59
CA SER A 521 15.53 -34.96 26.72
C SER A 521 16.67 -35.96 26.91
N LYS A 522 17.86 -35.58 26.45
CA LYS A 522 19.04 -36.43 26.53
C LYS A 522 18.82 -37.79 25.85
N ASP A 523 18.09 -37.77 24.74
CA ASP A 523 17.83 -38.97 23.96
C ASP A 523 19.09 -39.44 23.25
N PRO A 524 19.56 -40.65 23.60
CA PRO A 524 20.82 -41.22 23.08
C PRO A 524 20.85 -41.39 21.55
N SER A 525 19.70 -41.32 20.90
CA SER A 525 19.66 -41.48 19.45
C SER A 525 20.04 -40.18 18.73
N VAL A 526 20.28 -39.12 19.50
CA VAL A 526 20.67 -37.84 18.92
C VAL A 526 21.91 -37.26 19.61
N ARG A 527 22.93 -36.99 18.80
CA ARG A 527 24.15 -36.34 19.29
C ARG A 527 24.47 -35.11 18.44
N VAL A 528 24.97 -34.06 19.09
CA VAL A 528 25.32 -32.84 18.39
C VAL A 528 26.75 -32.39 18.71
N ILE A 529 27.58 -32.28 17.67
CA ILE A 529 28.91 -31.71 17.82
C ILE A 529 28.98 -30.39 17.06
N GLN A 530 29.82 -29.47 17.53
CA GLN A 530 29.87 -28.13 16.94
C GLN A 530 31.27 -27.52 16.99
N ASN A 531 31.52 -26.62 16.04
CA ASN A 531 32.79 -25.90 15.99
C ASN A 531 32.59 -24.57 15.24
N GLY A 532 33.36 -23.56 15.63
CA GLY A 532 33.23 -22.23 15.04
C GLY A 532 34.12 -22.03 13.82
N LEU A 533 33.78 -21.02 13.03
CA LEU A 533 34.57 -20.69 11.84
C LEU A 533 35.63 -19.64 12.15
N GLU A 534 36.75 -19.71 11.44
CA GLU A 534 37.79 -18.69 11.56
C GLU A 534 37.39 -17.46 10.78
N ASN A 535 36.84 -17.66 9.60
CA ASN A 535 36.28 -16.58 8.80
C ASN A 535 34.78 -16.79 8.59
N ARG A 536 33.98 -15.91 9.16
CA ARG A 536 32.52 -16.06 9.12
C ARG A 536 31.97 -15.87 7.70
N ASN A 537 32.75 -15.23 6.84
CA ASN A 537 32.33 -15.03 5.46
C ASN A 537 32.54 -16.28 4.61
N ASP A 538 32.92 -17.38 5.25
CA ASP A 538 33.09 -18.66 4.57
C ASP A 538 31.87 -19.57 4.79
N ALA A 539 30.85 -19.01 5.41
CA ALA A 539 29.67 -19.78 5.85
C ALA A 539 29.07 -20.66 4.76
N ALA A 540 28.55 -20.02 3.71
CA ALA A 540 27.81 -20.71 2.64
C ALA A 540 28.55 -21.91 2.05
N LYS A 541 29.86 -21.72 1.85
CA LYS A 541 30.79 -22.75 1.34
C LYS A 541 31.14 -23.93 2.27
N LYS A 542 31.43 -23.62 3.54
CA LYS A 542 31.76 -24.62 4.54
C LYS A 542 30.53 -25.42 4.95
N ILE A 543 29.37 -24.78 4.91
CA ILE A 543 28.10 -25.45 5.17
C ILE A 543 27.86 -26.55 4.14
N ASP A 544 28.09 -26.21 2.87
CA ASP A 544 27.93 -27.18 1.78
C ASP A 544 28.90 -28.34 1.92
N GLU A 545 30.13 -28.03 2.31
CA GLU A 545 31.15 -29.07 2.48
C GLU A 545 30.78 -30.02 3.62
N LEU A 546 30.22 -29.46 4.70
CA LEU A 546 29.74 -30.28 5.80
C LEU A 546 28.54 -31.11 5.35
N ARG A 547 27.74 -30.54 4.46
CA ARG A 547 26.58 -31.24 3.92
C ARG A 547 26.98 -32.15 2.76
N ALA A 548 28.26 -32.09 2.40
CA ALA A 548 28.79 -32.95 1.33
C ALA A 548 29.32 -34.26 1.90
N LEU A 549 29.68 -34.22 3.17
CA LEU A 549 30.21 -35.37 3.86
C LEU A 549 29.22 -36.49 3.81
N GLN A 550 29.68 -37.67 4.22
CA GLN A 550 28.86 -38.86 4.25
C GLN A 550 28.70 -39.30 5.68
N PRO A 551 27.46 -39.33 6.14
CA PRO A 551 27.11 -39.70 7.50
C PRO A 551 27.34 -41.17 7.67
N PRO A 552 27.70 -41.59 8.86
CA PRO A 552 27.99 -42.99 9.18
C PRO A 552 26.76 -43.79 9.56
N HIS A 553 26.77 -45.07 9.20
CA HIS A 553 25.87 -46.07 9.76
C HIS A 553 24.39 -45.71 9.77
N GLY A 554 23.92 -45.10 8.69
CA GLY A 554 22.52 -44.73 8.57
C GLY A 554 22.10 -43.73 9.63
N ILE A 555 22.78 -42.59 9.66
CA ILE A 555 22.43 -41.51 10.58
C ILE A 555 22.16 -40.24 9.79
N GLU A 556 21.03 -39.60 10.05
CA GLU A 556 20.75 -38.32 9.41
C GLU A 556 21.59 -37.23 10.06
N VAL A 557 22.29 -36.45 9.24
CA VAL A 557 23.09 -35.34 9.73
C VAL A 557 22.51 -34.00 9.28
N PHE A 558 22.15 -33.18 10.24
CA PHE A 558 21.59 -31.86 9.96
C PHE A 558 22.59 -30.78 10.34
N VAL A 559 23.05 -30.01 9.35
CA VAL A 559 23.98 -28.93 9.61
C VAL A 559 23.23 -27.66 9.99
N GLY A 560 23.43 -27.20 11.22
CA GLY A 560 22.74 -26.03 11.72
C GLY A 560 23.66 -24.94 12.21
N GLY A 561 23.16 -24.13 13.13
CA GLY A 561 23.91 -22.99 13.63
C GLY A 561 23.39 -21.70 13.03
N THR A 562 23.60 -20.59 13.74
CA THR A 562 23.17 -19.28 13.28
C THR A 562 23.71 -18.92 11.87
N PRO A 563 24.98 -19.24 11.57
CA PRO A 563 25.41 -18.97 10.19
C PRO A 563 24.61 -19.76 9.16
N ALA A 564 24.25 -20.99 9.51
CA ALA A 564 23.49 -21.85 8.61
C ALA A 564 22.06 -21.33 8.44
N LEU A 565 21.45 -20.91 9.54
CA LEU A 565 20.10 -20.35 9.51
C LEU A 565 20.04 -19.14 8.61
N GLU A 566 21.03 -18.26 8.73
CA GLU A 566 21.09 -17.05 7.92
C GLU A 566 21.31 -17.36 6.45
N GLN A 567 22.31 -18.20 6.16
CA GLN A 567 22.66 -18.53 4.78
C GLN A 567 21.56 -19.32 4.08
N ASP A 568 20.90 -20.22 4.81
CA ASP A 568 19.77 -20.96 4.26
C ASP A 568 18.63 -20.02 3.91
N SER A 569 18.40 -19.04 4.78
CA SER A 569 17.36 -18.05 4.56
C SER A 569 17.72 -17.16 3.37
N ILE A 570 18.99 -16.77 3.30
CA ILE A 570 19.51 -16.02 2.16
C ILE A 570 19.34 -16.81 0.87
N HIS A 571 19.66 -18.09 0.93
CA HIS A 571 19.56 -18.97 -0.23
C HIS A 571 18.11 -19.14 -0.68
N SER A 572 17.21 -19.32 0.29
CA SER A 572 15.80 -19.55 0.01
C SER A 572 15.14 -18.38 -0.70
N LEU A 573 15.58 -17.17 -0.37
CA LEU A 573 14.96 -15.97 -0.91
C LEU A 573 15.37 -15.69 -2.35
N PHE A 574 16.63 -15.92 -2.66
CA PHE A 574 17.12 -15.68 -4.02
C PHE A 574 16.86 -16.88 -4.92
N ASP A 575 16.51 -18.02 -4.30
CA ASP A 575 16.12 -19.19 -5.06
C ASP A 575 14.71 -19.02 -5.61
N LYS A 576 13.94 -18.13 -4.99
CA LYS A 576 12.55 -17.91 -5.38
C LYS A 576 12.31 -16.52 -5.95
N LEU A 577 13.33 -15.67 -5.88
CA LEU A 577 13.22 -14.31 -6.40
C LEU A 577 12.86 -14.23 -7.90
N PRO A 578 13.45 -15.10 -8.75
CA PRO A 578 13.04 -15.05 -10.16
C PRO A 578 11.54 -15.27 -10.38
N LEU A 579 10.97 -16.34 -9.82
CA LEU A 579 9.55 -16.64 -9.98
C LEU A 579 8.70 -15.51 -9.44
N MET A 580 9.08 -14.99 -8.28
CA MET A 580 8.38 -13.86 -7.67
C MET A 580 8.46 -12.64 -8.59
N ALA A 581 9.62 -12.43 -9.20
CA ALA A 581 9.82 -11.33 -10.13
C ALA A 581 8.98 -11.52 -11.39
N LEU A 582 8.97 -12.74 -11.91
CA LEU A 582 8.18 -13.06 -13.09
C LEU A 582 6.70 -12.81 -12.84
N ILE A 583 6.18 -13.39 -11.76
CA ILE A 583 4.79 -13.21 -11.37
C ILE A 583 4.47 -11.74 -11.16
N LEU A 584 5.38 -11.02 -10.51
CA LEU A 584 5.20 -9.59 -10.27
C LEU A 584 5.12 -8.80 -11.56
N ILE A 585 6.10 -9.00 -12.45
CA ILE A 585 6.14 -8.28 -13.71
C ILE A 585 4.96 -8.62 -14.62
N VAL A 586 4.66 -9.91 -14.73
CA VAL A 586 3.57 -10.37 -15.60
C VAL A 586 2.22 -9.80 -15.18
N THR A 587 1.87 -9.92 -13.90
CA THR A 587 0.58 -9.44 -13.41
C THR A 587 0.43 -7.92 -13.58
N THR A 588 1.48 -7.18 -13.23
CA THR A 588 1.45 -5.73 -13.37
C THR A 588 1.35 -5.32 -14.84
N THR A 589 1.96 -6.10 -15.71
CA THR A 589 1.90 -5.84 -17.14
C THR A 589 0.52 -6.19 -17.70
N VAL A 590 -0.03 -7.31 -17.25
CA VAL A 590 -1.36 -7.74 -17.67
C VAL A 590 -2.43 -6.72 -17.27
N LEU A 591 -2.33 -6.21 -16.05
CA LEU A 591 -3.25 -5.18 -15.58
C LEU A 591 -3.12 -3.91 -16.41
N MET A 592 -1.91 -3.66 -16.91
CA MET A 592 -1.68 -2.46 -17.72
C MET A 592 -2.14 -2.66 -19.17
N PHE A 593 -2.29 -3.93 -19.58
CA PHE A 593 -2.92 -4.23 -20.87
C PHE A 593 -4.39 -3.83 -20.79
N LEU A 594 -4.96 -3.99 -19.60
CA LEU A 594 -6.37 -3.69 -19.37
C LEU A 594 -6.62 -2.20 -19.19
N ALA A 595 -5.71 -1.53 -18.48
CA ALA A 595 -5.86 -0.11 -18.19
C ALA A 595 -5.54 0.76 -19.40
N PHE A 596 -4.58 0.32 -20.21
CA PHE A 596 -4.14 1.11 -21.35
C PHE A 596 -4.84 0.71 -22.64
N GLY A 597 -4.85 -0.59 -22.93
CA GLY A 597 -5.34 -1.07 -24.20
C GLY A 597 -4.21 -1.04 -25.21
N SER A 598 -2.98 -0.92 -24.70
CA SER A 598 -1.79 -0.87 -25.53
C SER A 598 -0.96 -2.13 -25.36
N VAL A 599 -0.08 -2.39 -26.33
CA VAL A 599 0.82 -3.53 -26.24
C VAL A 599 2.22 -3.05 -25.89
N VAL A 600 2.50 -1.79 -26.20
CA VAL A 600 3.83 -1.22 -26.01
C VAL A 600 3.97 -0.55 -24.64
N LEU A 601 3.00 0.28 -24.28
CA LEU A 601 3.03 1.02 -23.03
C LEU A 601 3.26 0.17 -21.78
N PRO A 602 2.63 -1.02 -21.71
CA PRO A 602 2.98 -1.87 -20.54
C PRO A 602 4.41 -2.38 -20.60
N ILE A 603 4.91 -2.70 -21.79
CA ILE A 603 6.32 -3.05 -21.94
C ILE A 603 7.18 -1.85 -21.58
N LYS A 604 6.69 -0.66 -21.94
CA LYS A 604 7.39 0.59 -21.63
C LYS A 604 7.46 0.85 -20.14
N ALA A 605 6.35 0.67 -19.44
CA ALA A 605 6.29 0.96 -18.01
C ALA A 605 7.12 -0.03 -17.20
N ALA A 606 7.15 -1.28 -17.66
CA ALA A 606 7.96 -2.31 -17.02
C ALA A 606 9.43 -1.91 -17.11
N LEU A 607 9.82 -1.38 -18.27
CA LEU A 607 11.13 -0.79 -18.49
C LEU A 607 11.45 0.27 -17.46
N MET A 608 10.48 1.15 -17.21
CA MET A 608 10.67 2.27 -16.30
C MET A 608 10.80 1.83 -14.85
N SER A 609 9.96 0.89 -14.45
CA SER A 609 9.98 0.41 -13.07
C SER A 609 11.26 -0.37 -12.77
N ALA A 610 11.65 -1.24 -13.70
CA ALA A 610 12.88 -2.00 -13.57
C ALA A 610 14.07 -1.05 -13.50
N LEU A 611 13.93 0.10 -14.15
CA LEU A 611 14.98 1.11 -14.14
C LEU A 611 15.01 1.85 -12.81
N THR A 612 13.86 2.34 -12.37
CA THR A 612 13.79 3.08 -11.11
C THR A 612 14.00 2.17 -9.91
N LEU A 613 13.84 0.87 -10.11
CA LEU A 613 14.07 -0.12 -9.05
C LEU A 613 15.57 -0.35 -8.87
N GLY A 614 16.23 -0.80 -9.93
CA GLY A 614 17.65 -1.09 -9.90
C GLY A 614 18.48 0.12 -9.52
N SER A 615 18.00 1.31 -9.92
CA SER A 615 18.67 2.55 -9.57
C SER A 615 18.53 2.85 -8.09
N THR A 616 17.34 2.61 -7.55
CA THR A 616 17.07 2.88 -6.15
C THR A 616 17.82 1.90 -5.24
N MET A 617 17.81 0.63 -5.60
CA MET A 617 18.48 -0.40 -4.80
C MET A 617 19.99 -0.28 -4.91
N GLY A 618 20.47 0.28 -6.02
CA GLY A 618 21.88 0.54 -6.18
C GLY A 618 22.33 1.65 -5.26
N ILE A 619 21.43 2.62 -5.06
CA ILE A 619 21.71 3.73 -4.16
C ILE A 619 21.68 3.28 -2.70
N LEU A 620 20.66 2.50 -2.34
CA LEU A 620 20.53 1.97 -0.99
C LEU A 620 21.76 1.16 -0.60
N THR A 621 22.30 0.41 -1.55
CA THR A 621 23.49 -0.38 -1.30
C THR A 621 24.70 0.54 -1.11
N TRP A 622 24.68 1.65 -1.84
CA TRP A 622 25.75 2.64 -1.75
C TRP A 622 25.71 3.35 -0.40
N MET A 623 24.52 3.41 0.18
CA MET A 623 24.32 4.11 1.46
C MET A 623 24.52 3.23 2.68
N PHE A 624 23.99 2.02 2.63
CA PHE A 624 23.94 1.17 3.83
C PHE A 624 24.99 0.06 3.84
N VAL A 625 25.46 -0.33 2.67
CA VAL A 625 26.53 -1.32 2.61
C VAL A 625 27.89 -0.62 2.55
N ASP A 626 28.03 0.35 1.66
CA ASP A 626 29.26 1.13 1.55
C ASP A 626 29.35 2.19 2.64
N GLY A 627 28.20 2.59 3.15
CA GLY A 627 28.17 3.49 4.29
C GLY A 627 28.22 4.98 3.98
N HIS A 628 27.87 5.36 2.77
CA HIS A 628 27.81 6.79 2.43
C HIS A 628 26.54 7.41 3.02
N GLY A 629 26.73 8.21 4.06
CA GLY A 629 25.61 8.82 4.77
C GLY A 629 25.52 8.29 6.18
N SER A 630 26.41 7.35 6.52
CA SER A 630 26.40 6.70 7.82
C SER A 630 26.70 7.67 8.96
N GLY A 631 27.76 8.47 8.80
CA GLY A 631 28.15 9.43 9.82
C GLY A 631 27.11 10.52 10.02
N LEU A 632 26.49 10.95 8.92
CA LEU A 632 25.48 11.99 8.97
C LEU A 632 24.20 11.50 9.64
N MET A 633 23.77 10.30 9.26
CA MET A 633 22.49 9.76 9.75
C MET A 633 22.67 8.83 10.94
N ASN A 634 23.89 8.73 11.44
CA ASN A 634 24.22 7.96 12.63
C ASN A 634 23.80 6.48 12.56
N TYR A 635 24.20 5.79 11.51
CA TYR A 635 24.00 4.35 11.43
C TYR A 635 25.29 3.65 11.05
N THR A 636 25.31 2.32 11.18
CA THR A 636 26.50 1.54 10.88
C THR A 636 26.39 0.82 9.54
N PRO A 637 27.38 1.04 8.66
CA PRO A 637 27.47 0.31 7.39
C PRO A 637 27.63 -1.19 7.65
N GLN A 638 26.76 -2.00 7.05
CA GLN A 638 26.75 -3.42 7.33
C GLN A 638 26.01 -4.19 6.24
N PRO A 639 26.18 -5.52 6.19
CA PRO A 639 25.40 -6.33 5.25
C PRO A 639 23.90 -6.17 5.45
N LEU A 640 23.15 -6.22 4.35
CA LEU A 640 21.71 -6.02 4.39
C LEU A 640 21.01 -7.29 4.88
N MET A 641 19.69 -7.21 5.01
CA MET A 641 18.91 -8.41 5.27
C MET A 641 18.08 -8.82 4.08
N ALA A 642 18.22 -10.08 3.71
CA ALA A 642 17.62 -10.62 2.49
C ALA A 642 16.10 -10.44 2.38
N PRO A 643 15.33 -10.68 3.47
CA PRO A 643 13.89 -10.41 3.34
C PRO A 643 13.54 -8.95 3.06
N MET A 644 14.35 -8.01 3.53
CA MET A 644 14.10 -6.60 3.28
C MET A 644 14.26 -6.27 1.80
N ILE A 645 15.03 -7.09 1.10
CA ILE A 645 15.22 -6.91 -0.34
C ILE A 645 13.97 -7.33 -1.11
N GLY A 646 13.41 -8.47 -0.73
CA GLY A 646 12.17 -8.93 -1.35
C GLY A 646 11.05 -7.94 -1.13
N LEU A 647 10.97 -7.41 0.09
CA LEU A 647 9.95 -6.42 0.44
C LEU A 647 10.14 -5.13 -0.35
N ILE A 648 11.37 -4.64 -0.42
CA ILE A 648 11.63 -3.36 -1.07
C ILE A 648 11.44 -3.46 -2.59
N ILE A 649 11.65 -4.66 -3.15
CA ILE A 649 11.41 -4.88 -4.57
C ILE A 649 9.93 -4.72 -4.88
N ALA A 650 9.11 -5.40 -4.10
CA ALA A 650 7.66 -5.34 -4.25
C ALA A 650 7.14 -3.93 -4.03
N VAL A 651 7.64 -3.28 -2.99
CA VAL A 651 7.20 -1.94 -2.62
C VAL A 651 7.55 -0.91 -3.68
N ILE A 652 8.79 -0.92 -4.15
CA ILE A 652 9.23 0.03 -5.18
C ILE A 652 8.50 -0.23 -6.50
N TRP A 653 8.30 -1.49 -6.83
CA TRP A 653 7.63 -1.86 -8.09
C TRP A 653 6.19 -1.37 -8.12
N GLY A 654 5.44 -1.66 -7.04
CA GLY A 654 4.06 -1.25 -6.93
C GLY A 654 3.91 0.26 -6.89
N LEU A 655 4.91 0.93 -6.30
CA LEU A 655 4.94 2.38 -6.23
C LEU A 655 5.10 2.99 -7.62
N SER A 656 6.01 2.41 -8.40
CA SER A 656 6.29 2.89 -9.75
C SER A 656 5.13 2.60 -10.70
N THR A 657 4.53 1.42 -10.55
CA THR A 657 3.43 1.00 -11.41
C THR A 657 2.16 1.81 -11.15
N ASP A 658 1.87 2.05 -9.88
CA ASP A 658 0.65 2.77 -9.51
C ASP A 658 0.68 4.22 -9.99
N TYR A 659 1.85 4.85 -9.90
CA TYR A 659 1.98 6.25 -10.29
C TYR A 659 1.98 6.43 -11.81
N GLU A 660 2.50 5.43 -12.53
CA GLU A 660 2.55 5.52 -13.98
C GLU A 660 1.22 5.15 -14.61
N VAL A 661 0.47 4.25 -13.98
CA VAL A 661 -0.85 3.89 -14.46
C VAL A 661 -1.76 5.12 -14.44
N PHE A 662 -1.76 5.84 -13.33
CA PHE A 662 -2.60 7.02 -13.19
C PHE A 662 -2.25 8.11 -14.21
N LEU A 663 -0.95 8.30 -14.43
CA LEU A 663 -0.49 9.30 -15.39
C LEU A 663 -0.82 8.91 -16.83
N VAL A 664 -0.45 7.70 -17.21
CA VAL A 664 -0.60 7.25 -18.59
C VAL A 664 -2.07 7.03 -18.99
N SER A 665 -2.86 6.45 -18.07
CA SER A 665 -4.25 6.07 -18.36
C SER A 665 -5.09 7.20 -18.89
N ARG A 666 -4.65 8.40 -18.52
CA ARG A 666 -5.33 9.65 -18.81
C ARG A 666 -4.89 10.17 -20.13
N MET A 667 -3.61 9.99 -20.41
CA MET A 667 -3.05 10.37 -21.68
C MET A 667 -3.88 9.61 -22.68
N VAL A 668 -4.07 8.33 -22.40
CA VAL A 668 -4.86 7.46 -23.24
C VAL A 668 -6.27 7.99 -23.46
N GLU A 669 -6.90 8.46 -22.39
CA GLU A 669 -8.23 9.01 -22.53
C GLU A 669 -8.22 10.21 -23.44
N ALA A 670 -7.22 11.07 -23.31
CA ALA A 670 -7.13 12.23 -24.18
C ALA A 670 -7.05 11.77 -25.62
N ARG A 671 -6.19 10.78 -25.90
CA ARG A 671 -6.09 10.28 -27.25
C ARG A 671 -7.44 9.78 -27.74
N GLU A 672 -8.14 9.00 -26.95
CA GLU A 672 -9.44 8.51 -27.42
C GLU A 672 -10.42 9.65 -27.68
N ARG A 673 -10.20 10.73 -26.94
CA ARG A 673 -10.96 11.95 -27.04
C ARG A 673 -10.61 12.68 -28.32
N GLY A 674 -9.56 12.23 -29.00
CA GLY A 674 -9.14 12.87 -30.24
C GLY A 674 -7.92 13.77 -30.27
N MET A 675 -7.18 13.85 -29.18
CA MET A 675 -5.99 14.66 -29.14
C MET A 675 -4.81 14.02 -29.90
N SER A 676 -3.79 14.82 -30.17
CA SER A 676 -2.60 14.34 -30.87
C SER A 676 -1.65 13.64 -29.90
N THR A 677 -0.74 12.84 -30.46
CA THR A 677 0.22 12.10 -29.66
C THR A 677 0.99 13.03 -28.72
N ALA A 678 1.50 14.12 -29.26
CA ALA A 678 2.25 15.10 -28.48
C ALA A 678 1.36 15.82 -27.48
N GLU A 679 0.10 16.04 -27.87
CA GLU A 679 -0.86 16.71 -27.01
C GLU A 679 -1.37 15.78 -25.91
N ALA A 680 -1.86 14.62 -26.31
CA ALA A 680 -2.38 13.65 -25.34
C ALA A 680 -1.44 13.58 -24.15
N ILE A 681 -0.15 13.73 -24.40
CA ILE A 681 0.87 13.72 -23.36
C ILE A 681 0.81 14.99 -22.53
N ARG A 682 0.61 16.12 -23.21
CA ARG A 682 0.46 17.39 -22.54
C ARG A 682 -0.76 17.41 -21.66
N ILE A 683 -1.88 16.91 -22.18
CA ILE A 683 -3.07 16.79 -21.38
C ILE A 683 -2.70 15.98 -20.14
N GLY A 684 -2.22 14.77 -20.36
CA GLY A 684 -1.90 13.85 -19.28
C GLY A 684 -1.14 14.46 -18.12
N THR A 685 0.10 14.84 -18.37
CA THR A 685 1.02 15.38 -17.37
C THR A 685 0.51 16.56 -16.51
N ALA A 686 -0.38 17.38 -17.08
CA ALA A 686 -0.74 18.69 -16.51
C ALA A 686 -1.82 18.67 -15.43
N THR A 687 -2.84 17.82 -15.54
CA THR A 687 -3.86 17.76 -14.49
C THR A 687 -3.64 16.53 -13.57
N THR A 688 -2.72 15.63 -13.93
CA THR A 688 -2.23 14.68 -12.93
C THR A 688 -1.15 15.36 -12.07
N GLY A 689 -0.59 16.43 -12.61
CA GLY A 689 0.53 17.12 -12.01
C GLY A 689 0.37 17.50 -10.54
N ARG A 690 -0.63 18.31 -10.25
CA ARG A 690 -0.83 18.83 -8.89
C ARG A 690 -1.19 17.71 -7.91
N LEU A 691 -1.88 16.69 -8.39
CA LEU A 691 -2.29 15.58 -7.54
C LEU A 691 -1.13 14.64 -7.24
N ILE A 692 -0.38 14.25 -8.26
CA ILE A 692 0.75 13.35 -8.11
C ILE A 692 1.79 13.92 -7.13
N THR A 693 2.11 15.20 -7.31
CA THR A 693 3.07 15.86 -6.42
C THR A 693 2.51 16.00 -5.02
N GLY A 694 1.22 16.30 -4.92
CA GLY A 694 0.56 16.41 -3.64
C GLY A 694 0.48 15.06 -2.96
N ALA A 695 0.43 13.99 -3.75
CA ALA A 695 0.39 12.63 -3.23
C ALA A 695 1.78 12.14 -2.87
N ALA A 696 2.75 12.45 -3.72
CA ALA A 696 4.14 12.07 -3.47
C ALA A 696 4.70 12.80 -2.25
N LEU A 697 4.29 14.05 -2.09
CA LEU A 697 4.79 14.88 -0.99
C LEU A 697 4.35 14.35 0.37
N ILE A 698 3.05 14.09 0.51
CA ILE A 698 2.49 13.57 1.75
C ILE A 698 3.13 12.23 2.12
N LEU A 699 3.33 11.39 1.10
CA LEU A 699 3.99 10.11 1.28
C LEU A 699 5.43 10.31 1.73
N ALA A 700 6.08 11.33 1.19
CA ALA A 700 7.47 11.64 1.53
C ALA A 700 7.60 12.11 2.96
N VAL A 701 6.60 12.86 3.43
CA VAL A 701 6.57 13.34 4.80
C VAL A 701 6.54 12.18 5.79
N VAL A 702 5.65 11.22 5.52
CA VAL A 702 5.49 10.06 6.39
C VAL A 702 6.74 9.18 6.39
N ALA A 703 7.28 8.91 5.21
CA ALA A 703 8.50 8.12 5.09
C ALA A 703 9.68 8.87 5.68
N GLY A 704 9.63 10.19 5.61
CA GLY A 704 10.67 11.04 6.15
C GLY A 704 10.78 10.98 7.65
N ALA A 705 9.67 10.67 8.30
CA ALA A 705 9.66 10.52 9.76
C ALA A 705 10.30 9.21 10.18
N PHE A 706 10.32 8.26 9.25
CA PHE A 706 10.82 6.91 9.55
C PHE A 706 12.30 6.72 9.21
N VAL A 707 12.87 7.64 8.43
CA VAL A 707 14.29 7.55 8.12
C VAL A 707 15.13 7.87 9.35
N PHE A 708 14.48 8.42 10.38
CA PHE A 708 15.16 8.75 11.63
C PHE A 708 15.05 7.62 12.65
N SER A 709 14.61 6.46 12.21
CA SER A 709 14.49 5.30 13.10
C SER A 709 15.85 4.79 13.53
N ASP A 710 15.93 4.29 14.75
CA ASP A 710 17.18 3.74 15.27
C ASP A 710 17.42 2.34 14.73
N LEU A 711 16.37 1.73 14.18
CA LEU A 711 16.49 0.43 13.52
C LEU A 711 16.96 0.63 12.09
N VAL A 712 18.11 0.07 11.74
CA VAL A 712 18.78 0.38 10.48
C VAL A 712 18.00 -0.13 9.26
N MET A 713 17.26 -1.22 9.42
CA MET A 713 16.52 -1.80 8.30
C MET A 713 15.24 -1.00 8.06
N MET A 714 14.86 -0.21 9.05
CA MET A 714 13.71 0.67 8.92
C MET A 714 14.10 1.88 8.09
N LYS A 715 15.30 2.40 8.33
CA LYS A 715 15.83 3.50 7.54
C LYS A 715 16.00 3.08 6.09
N TYR A 716 16.49 1.85 5.89
CA TYR A 716 16.65 1.28 4.57
C TYR A 716 15.35 1.27 3.79
N LEU A 717 14.27 0.88 4.47
CA LEU A 717 12.95 0.83 3.85
C LEU A 717 12.41 2.22 3.56
N ALA A 718 12.47 3.10 4.57
CA ALA A 718 11.93 4.45 4.45
C ALA A 718 12.68 5.26 3.40
N PHE A 719 14.00 5.06 3.33
CA PHE A 719 14.81 5.75 2.31
C PHE A 719 14.46 5.24 0.92
N GLY A 720 14.31 3.92 0.80
CA GLY A 720 13.93 3.30 -0.46
C GLY A 720 12.65 3.89 -1.02
N LEU A 721 11.74 4.24 -0.11
CA LEU A 721 10.52 4.94 -0.47
C LEU A 721 10.83 6.31 -1.06
N LEU A 722 11.45 7.16 -0.24
CA LEU A 722 11.79 8.54 -0.62
C LEU A 722 12.49 8.63 -1.98
N ILE A 723 13.49 7.76 -2.18
CA ILE A 723 14.26 7.76 -3.42
C ILE A 723 13.39 7.44 -4.63
N ALA A 724 12.77 6.27 -4.62
CA ALA A 724 11.92 5.84 -5.72
C ALA A 724 10.75 6.81 -5.93
N LEU A 725 10.28 7.39 -4.85
CA LEU A 725 9.21 8.37 -4.89
C LEU A 725 9.68 9.65 -5.60
N LEU A 726 10.82 10.17 -5.15
CA LEU A 726 11.42 11.36 -5.76
C LEU A 726 11.79 11.10 -7.21
N LEU A 727 12.28 9.89 -7.49
CA LEU A 727 12.68 9.50 -8.83
C LEU A 727 11.51 9.45 -9.79
N ASP A 728 10.32 9.18 -9.27
CA ASP A 728 9.12 9.08 -10.10
C ASP A 728 8.39 10.41 -10.21
N ALA A 729 8.39 11.18 -9.12
CA ALA A 729 7.70 12.45 -9.10
C ALA A 729 8.41 13.50 -9.96
N THR A 730 9.63 13.19 -10.37
CA THR A 730 10.41 14.14 -11.18
C THR A 730 10.97 13.50 -12.44
N ILE A 731 12.07 12.76 -12.29
CA ILE A 731 12.81 12.21 -13.44
C ILE A 731 11.94 11.37 -14.37
N ILE A 732 11.22 10.41 -13.83
CA ILE A 732 10.40 9.52 -14.65
C ILE A 732 9.24 10.26 -15.31
N ARG A 733 8.36 10.84 -14.48
CA ARG A 733 7.15 11.48 -14.97
C ARG A 733 7.40 12.68 -15.87
N MET A 734 8.27 13.60 -15.41
CA MET A 734 8.42 14.88 -16.08
C MET A 734 9.43 14.88 -17.23
N PHE A 735 10.26 13.84 -17.30
CA PHE A 735 11.33 13.84 -18.29
C PHE A 735 11.40 12.58 -19.14
N LEU A 736 11.62 11.45 -18.50
CA LEU A 736 11.78 10.19 -19.23
C LEU A 736 10.51 9.83 -19.99
N VAL A 737 9.40 9.68 -19.28
CA VAL A 737 8.14 9.24 -19.89
C VAL A 737 7.78 10.02 -21.17
N PRO A 738 7.68 11.37 -21.12
CA PRO A 738 7.27 12.02 -22.37
C PRO A 738 8.31 11.84 -23.46
N ALA A 739 9.60 11.97 -23.14
CA ALA A 739 10.66 11.76 -24.11
C ALA A 739 10.63 10.33 -24.65
N VAL A 740 10.46 9.36 -23.75
CA VAL A 740 10.32 7.96 -24.16
C VAL A 740 8.84 7.64 -24.40
N MET A 741 8.14 8.61 -25.00
CA MET A 741 6.80 8.39 -25.53
C MET A 741 6.75 8.94 -26.96
N LYS A 742 7.78 9.69 -27.30
CA LYS A 742 7.89 10.30 -28.62
C LYS A 742 8.63 9.38 -29.58
N LEU A 743 9.26 8.33 -29.06
CA LEU A 743 9.96 7.43 -29.97
C LEU A 743 9.02 7.31 -31.18
N LEU A 744 7.72 7.25 -30.94
CA LEU A 744 6.72 7.27 -32.01
C LEU A 744 5.46 8.11 -31.70
N GLY A 745 4.83 8.66 -32.75
CA GLY A 745 3.54 9.32 -32.62
C GLY A 745 2.39 8.38 -32.23
N ASP A 746 1.97 7.48 -33.15
CA ASP A 746 0.67 6.80 -33.05
C ASP A 746 0.72 5.26 -32.88
N ASP A 747 1.96 4.78 -32.68
CA ASP A 747 2.26 3.35 -32.53
C ASP A 747 2.18 2.81 -31.09
N CYS A 748 2.37 3.66 -30.10
CA CYS A 748 2.25 3.21 -28.70
C CYS A 748 0.84 2.86 -28.28
N TRP A 749 -0.12 3.51 -28.93
CA TRP A 749 -1.49 3.10 -28.91
C TRP A 749 -1.67 2.11 -30.03
N TRP A 750 -1.59 0.82 -29.71
CA TRP A 750 -1.93 -0.19 -30.69
C TRP A 750 -2.17 -1.52 -30.04
N ALA A 751 -3.34 -2.06 -30.33
CA ALA A 751 -3.66 -3.44 -30.04
C ALA A 751 -4.54 -3.88 -31.17
N PRO A 752 -4.62 -5.19 -31.37
CA PRO A 752 -5.56 -5.68 -32.37
C PRO A 752 -6.96 -5.27 -31.92
N ARG A 753 -7.95 -5.82 -32.62
CA ARG A 753 -9.33 -5.58 -32.32
C ARG A 753 -9.64 -6.24 -30.99
N TRP A 754 -8.63 -6.38 -30.16
CA TRP A 754 -8.77 -6.90 -28.81
C TRP A 754 -8.60 -5.74 -27.83
N MET A 755 -8.98 -4.58 -28.36
CA MET A 755 -8.93 -3.32 -27.66
C MET A 755 -10.38 -2.94 -27.34
N LYS A 756 -10.49 -2.14 -26.29
CA LYS A 756 -11.74 -1.64 -25.75
C LYS A 756 -12.70 -1.17 -26.84
N ARG A 757 -13.97 -1.54 -26.70
CA ARG A 757 -14.98 -1.17 -27.68
C ARG A 757 -15.31 0.30 -27.53
N VAL A 758 -15.63 0.69 -26.32
CA VAL A 758 -15.88 2.10 -26.05
C VAL A 758 -16.69 2.64 -27.25
N GLN A 759 -17.87 2.04 -27.39
CA GLN A 759 -18.85 2.47 -28.36
C GLN A 759 -19.24 3.76 -27.67
N GLU A 760 -19.49 3.68 -26.36
CA GLU A 760 -19.83 4.88 -25.59
C GLU A 760 -21.32 5.21 -25.50
N LYS A 761 -22.12 4.38 -26.11
CA LYS A 761 -23.55 4.56 -26.09
C LYS A 761 -23.65 6.04 -25.96
N GLU A 762 -23.06 6.73 -26.92
CA GLU A 762 -22.99 8.17 -26.83
C GLU A 762 -24.44 8.57 -26.67
N PHE A 763 -24.74 9.22 -25.57
CA PHE A 763 -26.10 9.50 -25.26
C PHE A 763 -26.54 10.46 -26.30
N ASN A 764 -27.79 10.37 -26.70
CA ASN A 764 -28.29 11.28 -27.70
C ASN A 764 -29.64 11.86 -27.31
N ILE A 765 -30.14 12.74 -28.17
CA ILE A 765 -31.39 13.43 -27.93
C ILE A 765 -32.56 12.46 -27.97
N PHE A 766 -32.38 11.34 -28.66
CA PHE A 766 -33.39 10.30 -28.72
C PHE A 766 -33.62 9.68 -27.35
N GLU A 767 -32.54 9.27 -26.70
CA GLU A 767 -32.61 8.68 -25.36
C GLU A 767 -33.05 9.72 -24.34
N MET A 768 -32.80 10.99 -24.65
CA MET A 768 -33.17 12.09 -23.75
C MET A 768 -34.68 12.22 -23.61
N LEU A 769 -35.38 12.34 -24.74
CA LEU A 769 -36.81 12.55 -24.72
C LEU A 769 -37.59 11.25 -24.62
N ARG A 770 -36.90 10.13 -24.81
CA ARG A 770 -37.47 8.81 -24.54
C ARG A 770 -37.84 8.73 -23.06
N ILE A 771 -37.06 9.41 -22.23
CA ILE A 771 -37.30 9.45 -20.80
C ILE A 771 -38.40 10.45 -20.45
N ASP A 772 -38.35 11.63 -21.06
CA ASP A 772 -39.27 12.71 -20.72
C ASP A 772 -40.66 12.54 -21.35
N GLU A 773 -40.72 11.89 -22.51
CA GLU A 773 -42.00 11.76 -23.22
C GLU A 773 -42.38 10.31 -23.50
N GLY A 774 -41.52 9.38 -23.10
CA GLY A 774 -41.82 7.96 -23.25
C GLY A 774 -41.51 7.40 -24.62
N LEU A 775 -41.53 6.08 -24.72
CA LEU A 775 -41.38 5.39 -25.99
C LEU A 775 -42.39 4.24 -26.10
N ARG A 776 -43.37 4.41 -26.98
CA ARG A 776 -44.41 3.40 -27.17
C ARG A 776 -44.46 2.96 -28.62
N LEU A 777 -44.53 1.65 -28.84
CA LEU A 777 -44.53 1.11 -30.19
C LEU A 777 -45.95 0.82 -30.68
N LYS A 778 -46.92 0.98 -29.79
CA LYS A 778 -48.32 0.83 -30.14
C LYS A 778 -49.08 2.11 -29.78
N ILE A 779 -50.10 2.43 -30.57
CA ILE A 779 -50.90 3.63 -30.35
C ILE A 779 -51.49 3.66 -28.94
N TYR A 780 -51.39 4.80 -28.28
CA TYR A 780 -51.93 4.99 -26.94
C TYR A 780 -52.55 6.37 -26.81
N LYS A 781 -53.35 6.56 -25.77
CA LYS A 781 -53.92 7.88 -25.47
C LYS A 781 -53.07 8.59 -24.43
N ASP A 782 -52.70 9.84 -24.71
CA ASP A 782 -51.90 10.62 -23.77
C ASP A 782 -52.79 11.29 -22.73
N THR A 783 -52.24 12.26 -22.00
CA THR A 783 -52.95 12.89 -20.89
C THR A 783 -54.17 13.69 -21.34
N GLU A 784 -54.21 14.07 -22.62
CA GLU A 784 -55.36 14.79 -23.15
C GLU A 784 -56.31 13.83 -23.89
N GLY A 785 -55.98 12.55 -23.87
CA GLY A 785 -56.81 11.55 -24.51
C GLY A 785 -56.67 11.50 -26.01
N TYR A 786 -55.53 11.99 -26.52
CA TYR A 786 -55.26 11.99 -27.94
C TYR A 786 -54.39 10.81 -28.34
N TYR A 787 -54.64 10.26 -29.52
CA TYR A 787 -53.86 9.12 -30.02
C TYR A 787 -52.43 9.53 -30.34
N THR A 788 -51.48 8.87 -29.69
CA THR A 788 -50.07 9.20 -29.80
C THR A 788 -49.24 7.92 -29.96
N ILE A 789 -48.07 8.04 -30.58
CA ILE A 789 -47.18 6.89 -30.75
C ILE A 789 -45.72 7.34 -30.76
N GLY A 790 -44.81 6.37 -30.59
CA GLY A 790 -43.38 6.64 -30.58
C GLY A 790 -42.98 7.48 -29.40
N ILE A 791 -42.21 8.54 -29.65
CA ILE A 791 -41.83 9.48 -28.61
C ILE A 791 -42.65 10.75 -28.72
N GLY A 792 -43.81 10.74 -28.05
CA GLY A 792 -44.68 11.91 -27.99
C GLY A 792 -45.15 12.46 -29.33
N HIS A 793 -45.35 11.57 -30.31
CA HIS A 793 -45.77 12.00 -31.64
C HIS A 793 -47.28 11.91 -31.81
N LEU A 794 -47.93 13.07 -31.82
CA LEU A 794 -49.37 13.14 -32.03
C LEU A 794 -49.76 12.70 -33.43
N LEU A 795 -50.69 11.77 -33.53
CA LEU A 795 -51.17 11.28 -34.82
C LEU A 795 -52.39 12.08 -35.28
N THR A 796 -53.36 12.23 -34.38
CA THR A 796 -54.59 12.95 -34.69
C THR A 796 -55.32 13.32 -33.41
N LYS A 797 -56.23 14.28 -33.51
CA LYS A 797 -57.06 14.66 -32.37
C LYS A 797 -58.45 14.05 -32.52
N SER A 798 -58.60 13.20 -33.54
CA SER A 798 -59.86 12.48 -33.76
C SER A 798 -60.04 11.37 -32.73
N PRO A 799 -61.29 11.18 -32.27
CA PRO A 799 -61.63 10.12 -31.33
C PRO A 799 -61.58 8.72 -31.94
N SER A 800 -61.48 8.65 -33.26
CA SER A 800 -61.47 7.38 -33.98
C SER A 800 -60.08 6.75 -34.00
N LEU A 801 -59.98 5.51 -33.52
CA LEU A 801 -58.72 4.78 -33.52
C LEU A 801 -58.29 4.45 -34.94
N ASN A 802 -59.25 4.07 -35.78
CA ASN A 802 -58.96 3.74 -37.17
C ASN A 802 -58.48 4.94 -37.97
N ALA A 803 -58.85 6.13 -37.51
CA ALA A 803 -58.36 7.36 -38.13
C ALA A 803 -56.89 7.57 -37.77
N ALA A 804 -56.53 7.18 -36.56
CA ALA A 804 -55.14 7.27 -36.11
C ALA A 804 -54.29 6.22 -36.81
N LYS A 805 -54.86 5.05 -37.04
CA LYS A 805 -54.19 3.99 -37.79
C LYS A 805 -53.99 4.42 -39.23
N SER A 806 -54.95 5.18 -39.75
CA SER A 806 -54.85 5.76 -41.08
C SER A 806 -53.65 6.68 -41.18
N GLU A 807 -53.52 7.58 -40.21
CA GLU A 807 -52.41 8.52 -40.17
C GLU A 807 -51.08 7.80 -40.02
N LEU A 808 -51.06 6.77 -39.17
CA LEU A 808 -49.83 6.03 -38.91
C LEU A 808 -49.37 5.28 -40.15
N ASP A 809 -50.32 4.68 -40.87
CA ASP A 809 -50.01 3.94 -42.09
C ASP A 809 -49.42 4.85 -43.15
N LYS A 810 -49.90 6.09 -43.20
CA LYS A 810 -49.38 7.06 -44.16
C LYS A 810 -48.05 7.62 -43.71
N ALA A 811 -47.80 7.60 -42.41
CA ALA A 811 -46.56 8.13 -41.84
C ALA A 811 -45.42 7.12 -41.98
N ILE A 812 -45.70 5.87 -41.62
CA ILE A 812 -44.69 4.83 -41.66
C ILE A 812 -44.53 4.28 -43.08
N GLY A 813 -45.63 4.25 -43.83
CA GLY A 813 -45.60 3.81 -45.21
C GLY A 813 -45.90 2.34 -45.38
N ARG A 814 -46.77 1.82 -44.52
CA ARG A 814 -47.17 0.41 -44.57
C ARG A 814 -48.39 0.18 -43.69
N ASN A 815 -48.96 -1.03 -43.78
CA ASN A 815 -50.04 -1.40 -42.87
C ASN A 815 -49.45 -1.72 -41.50
N THR A 816 -49.58 -0.78 -40.57
CA THR A 816 -48.97 -0.89 -39.26
C THR A 816 -49.89 -1.59 -38.26
N ASN A 817 -51.20 -1.47 -38.49
CA ASN A 817 -52.21 -1.95 -37.56
C ASN A 817 -52.00 -1.35 -36.17
N GLY A 818 -51.45 -0.14 -36.14
CA GLY A 818 -51.23 0.57 -34.90
C GLY A 818 -49.91 0.24 -34.22
N VAL A 819 -49.06 -0.54 -34.89
CA VAL A 819 -47.80 -0.98 -34.30
C VAL A 819 -46.60 -0.67 -35.18
N ILE A 820 -45.57 -0.06 -34.58
CA ILE A 820 -44.34 0.26 -35.29
C ILE A 820 -43.13 -0.33 -34.58
N THR A 821 -42.00 -0.38 -35.26
CA THR A 821 -40.76 -0.85 -34.66
C THR A 821 -40.04 0.31 -33.98
N LYS A 822 -39.01 0.00 -33.21
CA LYS A 822 -38.25 1.04 -32.52
C LYS A 822 -37.55 1.94 -33.53
N ASP A 823 -37.07 1.33 -34.62
CA ASP A 823 -36.41 2.08 -35.69
C ASP A 823 -37.37 3.08 -36.33
N GLU A 824 -38.58 2.61 -36.65
CA GLU A 824 -39.59 3.47 -37.25
C GLU A 824 -39.97 4.59 -36.30
N ALA A 825 -39.96 4.30 -35.01
CA ALA A 825 -40.22 5.30 -33.99
C ALA A 825 -39.08 6.31 -33.91
N GLU A 826 -37.86 5.83 -34.11
CA GLU A 826 -36.68 6.69 -34.04
C GLU A 826 -36.62 7.65 -35.22
N LYS A 827 -36.92 7.12 -36.40
CA LYS A 827 -36.94 7.95 -37.61
C LYS A 827 -38.06 8.97 -37.50
N LEU A 828 -39.24 8.52 -37.05
CA LEU A 828 -40.38 9.41 -36.82
C LEU A 828 -40.00 10.55 -35.89
N PHE A 829 -39.27 10.19 -34.83
CA PHE A 829 -38.79 11.15 -33.85
C PHE A 829 -37.83 12.14 -34.49
N ASN A 830 -36.99 11.63 -35.39
CA ASN A 830 -36.01 12.48 -36.02
C ASN A 830 -36.64 13.57 -36.87
N GLN A 831 -37.81 13.29 -37.42
CA GLN A 831 -38.28 14.18 -38.48
C GLN A 831 -38.96 15.31 -37.69
N ASP A 832 -39.48 14.94 -36.52
CA ASP A 832 -40.02 15.88 -35.54
C ASP A 832 -38.95 16.83 -35.00
N VAL A 833 -37.76 16.30 -34.76
CA VAL A 833 -36.63 17.10 -34.31
C VAL A 833 -36.22 18.11 -35.39
N ASP A 834 -36.16 17.64 -36.63
CA ASP A 834 -35.83 18.49 -37.77
C ASP A 834 -36.85 19.62 -37.92
N ALA A 835 -38.12 19.30 -37.67
CA ALA A 835 -39.19 20.28 -37.75
C ALA A 835 -39.04 21.34 -36.66
N ALA A 836 -38.66 20.89 -35.47
CA ALA A 836 -38.47 21.79 -34.34
C ALA A 836 -37.29 22.73 -34.60
N VAL A 837 -36.22 22.21 -35.17
CA VAL A 837 -35.04 23.00 -35.46
C VAL A 837 -35.32 24.06 -36.53
N ARG A 838 -36.03 23.66 -37.58
CA ARG A 838 -36.39 24.60 -38.65
C ARG A 838 -37.21 25.76 -38.11
N GLY A 839 -38.08 25.47 -37.15
CA GLY A 839 -38.90 26.50 -36.55
C GLY A 839 -38.09 27.41 -35.63
N ILE A 840 -37.15 26.81 -34.90
CA ILE A 840 -36.26 27.57 -34.03
C ILE A 840 -35.40 28.54 -34.85
N LEU A 841 -34.87 28.05 -35.97
CA LEU A 841 -34.05 28.87 -36.84
C LEU A 841 -34.88 29.91 -37.59
N ARG A 842 -36.19 29.69 -37.60
CA ARG A 842 -37.12 30.63 -38.23
C ARG A 842 -37.56 31.69 -37.23
N ASN A 843 -37.31 31.41 -35.96
CA ASN A 843 -37.64 32.34 -34.88
C ASN A 843 -36.43 33.20 -34.53
N ALA A 844 -36.58 34.51 -34.67
CA ALA A 844 -35.48 35.44 -34.43
C ALA A 844 -35.15 35.59 -32.95
N LYS A 845 -36.05 35.12 -32.10
CA LYS A 845 -35.83 35.17 -30.66
C LYS A 845 -35.10 33.93 -30.17
N LEU A 846 -35.05 32.91 -31.01
CA LEU A 846 -34.48 31.62 -30.62
C LEU A 846 -33.25 31.24 -31.43
N LYS A 847 -33.16 31.73 -32.66
CA LYS A 847 -32.02 31.41 -33.53
C LYS A 847 -30.67 31.88 -32.96
N PRO A 848 -30.60 33.11 -32.40
CA PRO A 848 -29.30 33.50 -31.83
C PRO A 848 -28.84 32.60 -30.68
N VAL A 849 -29.72 32.30 -29.72
CA VAL A 849 -29.32 31.49 -28.58
C VAL A 849 -29.05 30.05 -29.01
N TYR A 850 -29.78 29.56 -30.00
CA TYR A 850 -29.59 28.19 -30.48
C TYR A 850 -28.22 28.02 -31.15
N ASP A 851 -27.85 28.98 -31.98
CA ASP A 851 -26.57 28.93 -32.68
C ASP A 851 -25.39 28.98 -31.70
N SER A 852 -25.59 29.68 -30.58
CA SER A 852 -24.51 29.88 -29.61
C SER A 852 -24.26 28.66 -28.73
N LEU A 853 -25.22 27.73 -28.72
CA LEU A 853 -25.15 26.59 -27.80
C LEU A 853 -24.42 25.39 -28.38
N ASP A 854 -23.82 24.61 -27.49
CA ASP A 854 -23.23 23.33 -27.85
C ASP A 854 -24.33 22.31 -28.14
N ALA A 855 -23.96 21.18 -28.73
CA ALA A 855 -24.92 20.18 -29.19
C ALA A 855 -25.80 19.64 -28.06
N VAL A 856 -25.22 19.51 -26.87
CA VAL A 856 -25.95 18.95 -25.74
C VAL A 856 -26.99 19.95 -25.20
N ARG A 857 -26.59 21.21 -25.09
CA ARG A 857 -27.50 22.24 -24.61
C ARG A 857 -28.55 22.60 -25.65
N ARG A 858 -28.21 22.38 -26.92
CA ARG A 858 -29.17 22.55 -28.01
C ARG A 858 -30.32 21.56 -27.85
N ALA A 859 -29.98 20.33 -27.47
CA ALA A 859 -30.98 19.29 -27.25
C ALA A 859 -31.91 19.68 -26.11
N ALA A 860 -31.37 20.37 -25.11
CA ALA A 860 -32.16 20.82 -23.98
C ALA A 860 -33.13 21.92 -24.39
N LEU A 861 -32.69 22.78 -25.32
CA LEU A 861 -33.56 23.83 -25.83
C LEU A 861 -34.66 23.24 -26.70
N ILE A 862 -34.29 22.25 -27.51
CA ILE A 862 -35.25 21.52 -28.33
C ILE A 862 -36.28 20.81 -27.45
N ASN A 863 -35.80 20.29 -26.32
CA ASN A 863 -36.67 19.63 -25.35
C ASN A 863 -37.75 20.58 -24.84
N MET A 864 -37.38 21.82 -24.57
CA MET A 864 -38.33 22.83 -24.11
C MET A 864 -39.34 23.17 -25.21
N VAL A 865 -38.84 23.28 -26.44
CA VAL A 865 -39.69 23.60 -27.59
C VAL A 865 -40.72 22.49 -27.81
N PHE A 866 -40.29 21.24 -27.64
CA PHE A 866 -41.19 20.09 -27.73
C PHE A 866 -42.31 20.19 -26.71
N GLN A 867 -41.97 20.57 -25.49
CA GLN A 867 -42.92 20.54 -24.38
C GLN A 867 -43.93 21.69 -24.41
N MET A 868 -43.45 22.91 -24.66
CA MET A 868 -44.31 24.08 -24.53
C MET A 868 -44.44 24.90 -25.81
N GLY A 869 -43.64 24.58 -26.81
CA GLY A 869 -43.70 25.28 -28.08
C GLY A 869 -42.70 26.42 -28.16
N GLU A 870 -42.40 26.86 -29.38
CA GLU A 870 -41.43 27.93 -29.61
C GLU A 870 -41.84 29.23 -28.95
N THR A 871 -43.10 29.59 -29.12
CA THR A 871 -43.64 30.83 -28.56
C THR A 871 -43.60 30.81 -27.03
N GLY A 872 -43.64 29.62 -26.46
CA GLY A 872 -43.52 29.47 -25.02
C GLY A 872 -42.08 29.67 -24.57
N VAL A 873 -41.15 29.03 -25.27
CA VAL A 873 -39.74 29.14 -24.95
C VAL A 873 -39.22 30.57 -25.14
N ALA A 874 -39.74 31.24 -26.16
CA ALA A 874 -39.31 32.61 -26.48
C ALA A 874 -39.74 33.61 -25.40
N GLY A 875 -40.56 33.16 -24.47
CA GLY A 875 -41.02 34.00 -23.38
C GLY A 875 -39.95 34.16 -22.30
N PHE A 876 -39.00 33.24 -22.27
CA PHE A 876 -37.92 33.28 -21.29
C PHE A 876 -36.77 34.16 -21.77
N THR A 877 -37.09 35.42 -22.11
CA THR A 877 -36.15 36.32 -22.75
C THR A 877 -34.85 36.53 -21.97
N ASN A 878 -34.96 36.75 -20.66
CA ASN A 878 -33.78 36.98 -19.83
C ASN A 878 -32.95 35.71 -19.66
N SER A 879 -33.63 34.58 -19.44
CA SER A 879 -32.96 33.30 -19.26
C SER A 879 -32.26 32.86 -20.54
N LEU A 880 -32.86 33.17 -21.69
CA LEU A 880 -32.27 32.83 -22.97
C LEU A 880 -31.01 33.66 -23.22
N ARG A 881 -31.05 34.92 -22.80
CA ARG A 881 -29.91 35.81 -22.93
C ARG A 881 -28.74 35.31 -22.08
N MET A 882 -29.05 34.82 -20.89
CA MET A 882 -28.05 34.27 -19.99
C MET A 882 -27.37 33.05 -20.59
N LEU A 883 -28.17 32.18 -21.19
CA LEU A 883 -27.65 30.97 -21.85
C LEU A 883 -26.75 31.35 -23.03
N GLN A 884 -27.16 32.38 -23.76
CA GLN A 884 -26.38 32.86 -24.90
C GLN A 884 -25.03 33.42 -24.45
N GLN A 885 -24.99 33.91 -23.21
CA GLN A 885 -23.78 34.49 -22.65
C GLN A 885 -23.00 33.47 -21.83
N LYS A 886 -23.42 32.21 -21.90
CA LYS A 886 -22.76 31.10 -21.21
C LYS A 886 -22.70 31.32 -19.69
N ARG A 887 -23.68 32.04 -19.17
CA ARG A 887 -23.84 32.21 -17.73
C ARG A 887 -24.74 31.11 -17.20
N TRP A 888 -24.23 29.89 -17.23
CA TRP A 888 -25.03 28.69 -16.97
C TRP A 888 -25.73 28.71 -15.61
N ASP A 889 -25.01 29.10 -14.57
CA ASP A 889 -25.55 29.08 -13.22
C ASP A 889 -26.71 30.06 -13.06
N GLU A 890 -26.54 31.27 -13.59
CA GLU A 890 -27.57 32.30 -13.47
C GLU A 890 -28.84 31.91 -14.21
N ALA A 891 -28.68 31.34 -15.41
CA ALA A 891 -29.82 30.89 -16.20
C ALA A 891 -30.55 29.76 -15.49
N ALA A 892 -29.78 28.84 -14.93
CA ALA A 892 -30.34 27.71 -14.19
C ALA A 892 -31.16 28.17 -12.99
N VAL A 893 -30.63 29.16 -12.27
CA VAL A 893 -31.32 29.73 -11.13
C VAL A 893 -32.60 30.44 -11.56
N ASN A 894 -32.52 31.18 -12.67
CA ASN A 894 -33.66 31.95 -13.17
C ASN A 894 -34.78 31.08 -13.71
N LEU A 895 -34.40 30.01 -14.42
CA LEU A 895 -35.38 29.12 -15.03
C LEU A 895 -36.21 28.36 -13.99
N ALA A 896 -35.63 28.14 -12.82
CA ALA A 896 -36.31 27.41 -11.76
C ALA A 896 -37.44 28.23 -11.14
N LYS A 897 -37.39 29.54 -11.33
CA LYS A 897 -38.41 30.45 -10.79
C LYS A 897 -39.67 30.45 -11.64
N SER A 898 -39.64 29.72 -12.75
CA SER A 898 -40.73 29.75 -13.73
C SER A 898 -41.94 28.91 -13.30
N ARG A 899 -43.05 29.10 -14.00
CA ARG A 899 -44.24 28.30 -13.79
C ARG A 899 -44.05 26.91 -14.40
N TRP A 900 -43.24 26.87 -15.45
CA TRP A 900 -42.86 25.63 -16.10
C TRP A 900 -42.23 24.66 -15.11
N TYR A 901 -41.39 25.20 -14.23
CA TYR A 901 -40.77 24.40 -13.18
C TYR A 901 -41.81 23.94 -12.17
N ASN A 902 -42.83 24.77 -11.96
CA ASN A 902 -43.86 24.45 -10.98
C ASN A 902 -44.77 23.30 -11.43
N GLN A 903 -45.19 23.34 -12.69
CA GLN A 903 -46.07 22.31 -13.23
C GLN A 903 -45.34 20.99 -13.41
N THR A 904 -44.12 21.07 -13.94
CA THR A 904 -43.33 19.87 -14.22
C THR A 904 -41.92 19.98 -13.64
N PRO A 905 -41.80 19.85 -12.31
CA PRO A 905 -40.51 20.03 -11.64
C PRO A 905 -39.45 19.01 -12.03
N ASN A 906 -39.83 17.73 -12.14
CA ASN A 906 -38.87 16.68 -12.42
C ASN A 906 -38.24 16.79 -13.81
N ARG A 907 -39.06 17.12 -14.80
CA ARG A 907 -38.55 17.27 -16.17
C ARG A 907 -37.79 18.58 -16.32
N ALA A 908 -38.27 19.64 -15.69
CA ALA A 908 -37.63 20.94 -15.76
C ALA A 908 -36.24 20.89 -15.12
N LYS A 909 -36.14 20.26 -13.96
CA LYS A 909 -34.87 20.13 -13.25
C LYS A 909 -33.86 19.34 -14.09
N ARG A 910 -34.37 18.39 -14.87
CA ARG A 910 -33.54 17.58 -15.75
C ARG A 910 -32.95 18.43 -16.87
N VAL A 911 -33.80 19.24 -17.49
CA VAL A 911 -33.38 20.12 -18.57
C VAL A 911 -32.44 21.21 -18.06
N ILE A 912 -32.82 21.82 -16.93
CA ILE A 912 -32.03 22.90 -16.34
C ILE A 912 -30.63 22.43 -15.96
N THR A 913 -30.53 21.24 -15.38
CA THR A 913 -29.24 20.66 -15.02
C THR A 913 -28.36 20.49 -16.24
N THR A 914 -28.97 20.07 -17.35
CA THR A 914 -28.27 19.91 -18.62
C THR A 914 -27.71 21.24 -19.10
N PHE A 915 -28.46 22.32 -18.85
CA PHE A 915 -28.00 23.66 -19.19
C PHE A 915 -26.83 24.07 -18.32
N ARG A 916 -26.84 23.63 -17.05
CA ARG A 916 -25.81 24.01 -16.10
C ARG A 916 -24.47 23.33 -16.38
N THR A 917 -24.54 22.06 -16.79
CA THR A 917 -23.33 21.24 -16.92
C THR A 917 -22.92 21.00 -18.36
N GLY A 918 -23.90 20.91 -19.26
CA GLY A 918 -23.62 20.63 -20.65
C GLY A 918 -23.29 19.18 -20.89
N THR A 919 -23.75 18.30 -20.00
CA THR A 919 -23.56 16.87 -20.14
C THR A 919 -24.89 16.13 -20.07
N TRP A 920 -24.87 14.84 -20.35
CA TRP A 920 -26.08 14.02 -20.34
C TRP A 920 -26.36 13.42 -18.96
N ASP A 921 -25.55 13.82 -17.98
CA ASP A 921 -25.56 13.22 -16.65
C ASP A 921 -26.94 13.14 -16.01
N ALA A 922 -27.78 14.13 -16.27
CA ALA A 922 -29.10 14.19 -15.67
C ALA A 922 -30.06 13.15 -16.26
N TYR A 923 -29.67 12.56 -17.39
CA TYR A 923 -30.53 11.58 -18.06
C TYR A 923 -29.94 10.17 -18.01
N GLU A 924 -28.62 10.09 -17.95
CA GLU A 924 -27.94 8.80 -17.85
C GLU A 924 -28.24 8.14 -16.51
N PHE A 925 -28.65 8.94 -15.54
CA PHE A 925 -29.06 8.47 -14.22
C PHE A 925 -30.21 9.31 -13.70
N HIS A 926 -31.43 8.80 -13.78
CA HIS A 926 -32.61 9.58 -13.40
C HIS A 926 -33.60 8.81 -12.53
N LEU A 927 -34.49 9.56 -11.92
CA LEU A 927 -35.49 9.02 -11.04
C LEU A 927 -36.56 8.38 -11.89
N GLY A 928 -37.01 7.22 -11.46
CA GLY A 928 -38.02 6.48 -12.18
C GLY A 928 -39.40 7.05 -12.03
N GLY A 929 -40.32 6.50 -12.80
CA GLY A 929 -41.69 6.94 -12.75
C GLY A 929 -42.11 7.28 -14.15
N ILE A 930 -42.34 8.57 -14.39
CA ILE A 930 -42.83 9.09 -15.65
C ILE A 930 -44.13 8.39 -15.98
N LYS A 931 -45.14 8.78 -15.25
CA LYS A 931 -46.43 8.19 -15.43
C LYS A 931 -47.25 8.97 -16.41
N ALA A 932 -46.96 10.24 -16.63
CA ALA A 932 -47.83 10.94 -17.57
C ALA A 932 -47.12 11.32 -18.86
N PHE A 933 -47.60 10.77 -19.97
CA PHE A 933 -47.05 11.08 -21.29
C PHE A 933 -47.92 12.10 -22.01
N HIS A 934 -47.30 13.08 -22.66
CA HIS A 934 -48.03 14.10 -23.38
C HIS A 934 -47.36 14.39 -24.72
N HIS A 935 -48.17 14.40 -25.79
CA HIS A 935 -47.67 14.63 -27.13
C HIS A 935 -46.98 15.99 -27.23
N HIS A 936 -45.94 16.08 -28.05
CA HIS A 936 -45.17 17.30 -28.15
C HIS A 936 -45.61 18.17 -29.33
N HIS A 937 -45.17 19.43 -29.31
CA HIS A 937 -45.33 20.31 -30.47
C HIS A 937 -44.39 19.84 -31.56
N HIS A 938 -44.62 20.33 -32.79
CA HIS A 938 -43.83 19.92 -33.95
C HIS A 938 -43.93 18.42 -34.21
N HIS A 939 -45.14 17.96 -34.48
CA HIS A 939 -45.39 16.58 -34.89
C HIS A 939 -45.42 16.52 -36.42
N HIS A 940 -44.33 16.05 -37.01
CA HIS A 940 -44.16 16.14 -38.46
C HIS A 940 -45.05 15.16 -39.23
N HIS A 941 -45.64 15.65 -40.31
CA HIS A 941 -46.56 14.85 -41.12
C HIS A 941 -46.08 14.69 -42.55
N HIS A 942 -46.58 13.64 -43.21
CA HIS A 942 -46.21 13.34 -44.59
C HIS A 942 -47.28 13.82 -45.55
CAA 3RX B . 3.68 -3.05 -2.27
CAB 3RX B . 3.40 -1.26 -0.43
CAC 3RX B . 2.93 3.84 -2.08
CAD 3RX B . 3.85 -0.66 -2.79
CAE 3RX B . 1.95 3.08 -4.21
CAF 3RX B . 3.84 0.81 -2.45
CAG 3RX B . 1.91 4.51 -4.71
CAH 3RX B . -0.18 5.12 -3.73
CAI 3RX B . -0.90 6.46 -3.85
CAJ 3RX B . 2.41 1.33 -2.57
CAK 3RX B . -4.32 8.54 -7.83
CAL 3RX B . -2.05 7.53 -7.88
CAM 3RX B . -2.36 9.84 -7.06
CAN 3RX B . -3.74 6.72 -6.25
CAO 3RX B . -4.05 9.03 -5.41
NAP 3RX B . 0.52 4.89 -4.99
NAQ 3RX B . -1.00 6.78 -5.27
CAR 3RX B . 3.65 -1.62 -1.86
CAS 3RX B . 2.41 2.77 -3.00
CAT 3RX B . -3.53 7.24 -7.66
CAU 3RX B . -3.84 9.58 -6.83
CAV 3RX B . -1.57 8.56 -6.87
CAW 3RX B . -3.24 7.76 -5.23
CAX 3RX B . -1.76 8.03 -5.45
C1B LMT C . 29.77 -22.88 32.27
C2B LMT C . 29.73 -23.35 33.71
C3B LMT C . 31.05 -23.83 34.24
C4B LMT C . 31.82 -24.65 33.28
C5B LMT C . 31.93 -23.94 31.93
C6B LMT C . 32.78 -24.74 31.00
O1B LMT C . 30.30 -21.58 32.19
O2B LMT C . 29.27 -22.27 34.54
O3B LMT C . 30.79 -24.65 35.43
O4' LMT C . 33.14 -24.88 33.78
O5B LMT C . 30.59 -23.76 31.38
O6B LMT C . 32.26 -24.68 29.70
C1' LMT C . 28.80 -18.29 29.93
C2' LMT C . 28.11 -18.73 31.19
C3' LMT C . 28.95 -19.61 32.06
C4' LMT C . 29.50 -20.77 31.29
C5' LMT C . 30.31 -20.28 30.11
C6' LMT C . 30.81 -21.43 29.29
O1' LMT C . 27.84 -17.75 29.08
O2' LMT C . 27.77 -17.57 31.94
O3' LMT C . 28.17 -20.09 33.15
O5' LMT C . 29.50 -19.41 29.22
O6' LMT C . 31.38 -20.94 28.06
C1 LMT C . 28.26 -16.55 28.34
C2 LMT C . 27.43 -16.44 27.03
C3 LMT C . 27.62 -15.08 26.39
C4 LMT C . 26.32 -14.66 25.67
C5 LMT C . 26.61 -13.55 24.66
C6 LMT C . 25.26 -12.94 24.17
C7 LMT C . 25.48 -12.09 22.90
C8 LMT C . 24.20 -12.18 22.01
C9 LMT C . 24.17 -10.99 20.98
C10 LMT C . 22.75 -10.85 20.42
C11 LMT C . 22.79 -10.11 19.07
C12 LMT C . 21.38 -9.65 18.69
C1B LMT D . 23.22 -16.66 18.70
C2B LMT D . 23.33 -17.67 19.80
C3B LMT D . 24.02 -17.16 21.02
C4B LMT D . 25.29 -16.45 20.71
C5B LMT D . 25.05 -15.36 19.66
C6B LMT D . 26.35 -14.67 19.35
O1B LMT D . 22.27 -15.70 19.02
O2B LMT D . 22.01 -18.10 20.16
O3B LMT D . 24.30 -18.28 21.91
O4' LMT D . 25.82 -15.87 21.90
O5B LMT D . 24.52 -15.94 18.43
O6B LMT D . 26.16 -13.81 18.27
C1' LMT D . 19.02 -13.85 17.44
C2' LMT D . 18.83 -15.32 17.67
C3' LMT D . 19.99 -15.88 18.46
C4' LMT D . 21.33 -15.53 17.93
C5' LMT D . 21.47 -14.12 17.39
C6' LMT D . 22.62 -14.05 16.42
O1' LMT D . 17.94 -13.34 16.70
O2' LMT D . 17.63 -15.52 18.40
O3' LMT D . 19.85 -17.31 18.49
O5' LMT D . 20.27 -13.60 16.67
O6' LMT D . 22.16 -13.52 15.16
C1 LMT D . 18.10 -11.92 16.36
C2 LMT D . 18.16 -11.07 17.66
C3 LMT D . 17.08 -10.01 17.63
C4 LMT D . 15.74 -10.63 17.11
C5 LMT D . 14.57 -9.91 17.78
C6 LMT D . 14.43 -8.45 17.21
C7 LMT D . 13.97 -8.50 15.75
C8 LMT D . 13.33 -7.13 15.36
C9 LMT D . 11.76 -7.21 15.58
C10 LMT D . 11.08 -6.27 14.58
C11 LMT D . 10.72 -4.95 15.28
C12 LMT D . 11.31 -3.78 14.46
C1B LMT E . 26.51 -14.65 -0.05
C2B LMT E . 26.37 -14.75 1.44
C3B LMT E . 26.32 -13.42 2.08
C4B LMT E . 27.52 -12.61 1.74
C5B LMT E . 27.69 -12.48 0.24
C6B LMT E . 28.99 -11.80 -0.05
O1B LMT E . 25.32 -14.11 -0.54
O2B LMT E . 25.16 -15.47 1.75
O3B LMT E . 26.23 -13.57 3.54
O4' LMT E . 27.39 -11.30 2.31
O5B LMT E . 27.67 -13.78 -0.45
O6B LMT E . 30.04 -12.72 0.06
C1' LMT E . 23.08 -14.70 -4.02
C2' LMT E . 23.45 -15.90 -3.24
C3' LMT E . 23.94 -15.55 -1.86
C4' LMT E . 25.06 -14.57 -1.89
C5' LMT E . 24.73 -13.36 -2.75
C6' LMT E . 25.98 -12.53 -2.93
O1' LMT E . 22.73 -15.08 -5.31
O2' LMT E . 22.31 -16.75 -3.11
O3' LMT E . 24.38 -16.76 -1.22
O5' LMT E . 24.21 -13.72 -4.08
O6' LMT E . 25.73 -11.51 -3.91
C1 LMT E . 22.34 -13.97 -6.20
C2 LMT E . 21.39 -14.49 -7.30
C3 LMT E . 21.02 -13.35 -8.23
C4 LMT E . 19.55 -13.51 -8.74
C5 LMT E . 19.04 -12.17 -9.21
C6 LMT E . 17.53 -12.26 -9.59
C7 LMT E . 16.82 -10.99 -9.09
C8 LMT E . 15.81 -10.46 -10.16
C9 LMT E . 15.58 -8.92 -9.90
C10 LMT E . 14.11 -8.66 -9.59
C11 LMT E . 13.50 -7.75 -10.68
C12 LMT E . 12.13 -7.23 -10.23
C1B LMT F . -11.16 -18.18 18.38
C2B LMT F . -10.65 -18.98 19.55
C3B LMT F . -9.20 -19.26 19.41
C4B LMT F . -8.92 -20.01 18.16
C5B LMT F . -9.43 -19.26 16.93
C6B LMT F . -9.33 -20.17 15.73
O1B LMT F . -10.64 -16.87 18.40
O2B LMT F . -10.91 -18.26 20.77
O3B LMT F . -8.76 -20.05 20.56
O4' LMT F . -7.51 -20.22 18.04
O5B LMT F . -10.82 -18.82 17.05
O6B LMT F . -8.20 -20.97 15.84
C1' LMT F . -12.14 -12.98 18.36
C2' LMT F . -12.14 -13.71 19.66
C3' LMT F . -11.27 -14.93 19.59
C4' LMT F . -11.69 -15.87 18.51
C5' LMT F . -11.94 -15.20 17.17
C6' LMT F . -12.85 -16.04 16.32
O1' LMT F . -13.02 -11.89 18.46
O2' LMT F . -11.65 -12.85 20.68
O3' LMT F . -11.31 -15.60 20.86
O5' LMT F . -12.59 -13.85 17.24
O6' LMT F . -12.07 -16.83 15.40
C1 LMT F . -13.20 -11.13 17.22
C2 LMT F . -13.33 -9.61 17.56
C3 LMT F . -13.86 -8.83 16.38
C4 LMT F . -12.99 -9.12 15.11
C5 LMT F . -11.99 -7.98 14.92
C6 LMT F . -12.72 -6.72 14.35
C7 LMT F . -12.03 -6.27 13.04
C8 LMT F . -12.23 -4.74 12.85
C9 LMT F . -11.95 -4.34 11.35
C10 LMT F . -12.60 -2.99 11.07
C11 LMT F . -12.85 -2.85 9.55
C12 LMT F . -13.67 -4.05 9.04
C1B LMT G . 4.60 -1.00 22.64
C2B LMT G . 5.79 -0.46 23.38
C3B LMT G . 6.94 -0.20 22.45
C4B LMT G . 7.24 -1.37 21.56
C5B LMT G . 5.97 -1.93 20.92
C6B LMT G . 6.30 -3.16 20.13
O1B LMT G . 4.20 -0.12 21.63
O2B LMT G . 5.43 0.77 24.04
O3B LMT G . 8.12 0.10 23.26
O4' LMT G . 8.14 -0.93 20.54
O5B LMT G . 4.97 -2.26 21.92
O6B LMT G . 5.31 -4.11 20.36
C1' LMT G . 0.53 0.88 19.88
C2' LMT G . 1.39 1.93 20.49
C3' LMT G . 2.76 1.38 20.66
C4' LMT G . 2.80 0.25 21.63
C5' LMT G . 1.85 -0.87 21.19
C6' LMT G . 1.43 -1.77 22.32
O1' LMT G . -0.78 1.35 19.83
O2' LMT G . 1.45 3.05 19.61
O3' LMT G . 3.66 2.41 21.10
O5' LMT G . 0.54 -0.41 20.63
O6' LMT G . 0.22 -1.29 22.93
C1 LMT G . -1.45 1.01 18.57
C2 LMT G . -1.03 2.06 17.50
C3 LMT G . -1.40 3.46 17.97
C4 LMT G . -2.53 4.04 17.08
C5 LMT G . -3.71 3.07 17.02
C6 LMT G . -5.05 3.85 17.18
C7 LMT G . -5.26 4.71 15.91
C8 LMT G . -6.58 5.52 16.06
C9 LMT G . -6.24 7.06 16.09
C10 LMT G . -7.42 7.84 15.53
C11 LMT G . -8.72 7.37 16.21
C12 LMT G . -9.93 7.84 15.37
C1B LMT H . -10.21 1.99 -16.12
C2B LMT H . -9.40 2.55 -17.24
C3B LMT H . -7.99 2.67 -16.78
C4B LMT H . -7.89 3.62 -15.64
C5B LMT H . -8.93 3.43 -14.54
C6B LMT H . -9.07 4.73 -13.80
O1B LMT H . -9.57 0.85 -15.64
O2B LMT H . -9.47 1.67 -18.38
O3B LMT H . -7.15 3.13 -17.89
O4' LMT H . -6.59 3.47 -15.05
O5B LMT H . -10.27 3.02 -15.01
O6B LMT H . -10.12 4.65 -12.90
C1' LMT H . -10.33 -3.25 -15.64
C2' LMT H . -10.44 -2.54 -16.96
C3' LMT H . -9.83 -1.18 -16.89
C4' LMT H . -10.39 -0.34 -15.80
C5' LMT H . -10.41 -1.07 -14.46
C6' LMT H . -11.22 -0.28 -13.48
O1' LMT H . -10.92 -4.52 -15.71
O2' LMT H . -9.81 -3.30 -17.97
O3' LMT H . -10.03 -0.51 -18.15
O5' LMT H . -10.97 -2.44 -14.56
O6' LMT H . -12.59 -0.74 -13.46
C1 LMT H . -10.80 -5.30 -14.48
C2 LMT H . -11.15 -6.80 -14.73
C3 LMT H . -10.08 -7.44 -15.61
C4 LMT H . -10.21 -8.99 -15.59
C5 LMT H . -11.68 -9.40 -15.45
C1B LMT I . 2.96 20.89 -11.76
C2B LMT I . 3.07 20.09 -13.03
C3B LMT I . 3.79 18.80 -12.84
C4B LMT I . 5.08 19.03 -12.17
C5B LMT I . 4.84 19.50 -10.74
C6B LMT I . 5.98 20.35 -10.27
O1B LMT I . 1.62 21.13 -11.45
O2B LMT I . 1.75 19.84 -13.56
O3B LMT I . 4.01 18.15 -14.13
O4' LMT I . 5.82 17.80 -12.13
O5B LMT I . 3.57 20.18 -10.56
O6B LMT I . 7.00 19.54 -9.77
C1' LMT I . -0.60 24.22 -9.65
C2' LMT I . -0.29 24.31 -11.12
C3' LMT I . 0.16 22.98 -11.64
C4' LMT I . 1.37 22.46 -10.93
C5' LMT I . 1.15 22.45 -9.42
C6' LMT I . 2.44 22.25 -8.67
O1' LMT I . -0.96 25.48 -9.16
O2' LMT I . -1.47 24.70 -11.81
O3' LMT I . 0.43 23.09 -13.05
O5' LMT I . 0.58 23.72 -8.89
O6' LMT I . 2.48 20.91 -8.14
C1 LMT I . -1.92 25.42 -8.04
C2 LMT I . -1.54 26.46 -6.95
C3 LMT I . -1.25 27.79 -7.62
C4 LMT I . -1.23 28.92 -6.53
C1B LMT J . 2.96 -21.42 6.88
C2B LMT J . 2.17 -22.29 7.83
C3B LMT J . 2.23 -21.83 9.24
C4B LMT J . 3.62 -21.54 9.70
C5B LMT J . 4.35 -20.67 8.69
C6B LMT J . 5.74 -20.37 9.16
O1B LMT J . 2.51 -20.10 6.87
O2B LMT J . 0.79 -22.40 7.43
O3B LMT J . 1.66 -22.87 10.10
O4' LMT J . 3.57 -20.87 10.96
O5B LMT J . 4.37 -21.31 7.37
O6B LMT J . 5.85 -19.00 9.41
C1' LMT J . -1.27 -19.93 4.89
C2' LMT J . -0.07 -20.26 4.05
C3' LMT J . 1.13 -20.69 4.85
C4' LMT J . 1.48 -19.70 5.91
C5' LMT J . 0.31 -19.32 6.79
C6' LMT J . 0.29 -17.83 6.95
O1' LMT J . -1.81 -18.72 4.44
O2' LMT J . -0.42 -21.32 3.16
O3' LMT J . 2.23 -20.83 3.93
O5' LMT J . -1.02 -19.84 6.36
O6' LMT J . 1.63 -17.35 7.24
C1 LMT J . -2.58 -18.85 3.19
C2 LMT J . -2.29 -17.63 2.27
C3 LMT J . -3.17 -16.46 2.70
C4 LMT J . -3.60 -15.65 1.44
C5 LMT J . -4.53 -14.52 1.85
C6 LMT J . -4.03 -13.20 1.18
C7 LMT J . -5.19 -12.52 0.42
C8 LMT J . -5.03 -12.76 -1.12
C9 LMT J . -5.75 -11.59 -1.91
C10 LMT J . -5.32 -11.61 -3.37
C11 LMT J . -6.14 -12.67 -4.14
C12 LMT J . -5.62 -12.78 -5.58
C1' LMT K . -3.32 -20.26 8.65
O1' LMT K . -3.56 -19.31 7.65
C1 LMT K . -3.07 -17.97 7.97
C2 LMT K . -3.66 -16.95 6.95
C3 LMT K . -4.90 -16.31 7.56
C4 LMT K . -4.73 -14.76 7.57
C5 LMT K . -4.52 -14.27 6.14
C6 LMT K . -4.18 -12.75 6.15
C7 LMT K . -5.35 -11.94 5.54
C8 LMT K . -4.85 -10.50 5.20
C9 LMT K . -5.99 -9.72 4.43
C10 LMT K . -7.07 -9.29 5.43
C11 LMT K . -8.36 -8.93 4.67
C12 LMT K . -8.48 -7.40 4.52
N1 MHA L . -43.95 14.80 -15.80
C1 MHA L . -44.28 15.61 -16.93
C2 MHA L . -43.35 15.31 -18.09
O1 MHA L . -42.51 14.37 -18.00
O2 MHA L . -43.41 16.00 -19.15
C3 MHA L . -44.01 15.63 -14.60
C4 MHA L . -42.63 16.10 -14.23
O3 MHA L . -42.46 16.87 -13.25
O4 MHA L . -41.64 15.75 -14.90
C5 MHA L . -44.90 13.74 -15.70
C6 MHA L . -44.23 12.47 -15.16
O5 MHA L . -44.87 11.44 -15.10
N2 MHA L . -42.88 12.50 -14.73
N1 MHA M . -38.16 36.52 -17.26
C1 MHA M . -39.17 36.78 -18.26
C2 MHA M . -38.54 37.51 -19.44
O1 MHA M . -37.29 37.53 -19.58
O2 MHA M . -39.28 38.08 -20.27
C3 MHA M . -38.39 37.40 -16.11
C4 MHA M . -37.15 37.48 -15.25
O3 MHA M . -37.26 37.79 -14.05
O4 MHA M . -36.03 37.22 -15.74
C5 MHA M . -38.26 35.15 -16.84
C6 MHA M . -37.23 34.31 -17.58
O5 MHA M . -36.64 34.77 -18.55
N2 MHA M . -36.95 32.99 -17.14
#